data_7M72
#
_entry.id   7M72
#
_cell.length_a   58.571
_cell.length_b   80.920
_cell.length_c   243.351
_cell.angle_alpha   90.000
_cell.angle_beta   90.000
_cell.angle_gamma   90.000
#
_symmetry.space_group_name_H-M   'P 21 21 21'
#
loop_
_entity.id
_entity.type
_entity.pdbx_description
1 polymer 'Antigen-presenting glycoprotein CD1d1'
2 polymer Beta-2-microglobulin
3 polymer 'NKT Valpha14 (Mouse)-2C12 TCR,Human T-cell receptor sp3.4 alpha chain'
4 polymer 'NKT Vbeta8.2 (Mouse)-2C12 TCR,Human nkt tcr beta chain'
5 branched 2-acetamido-2-deoxy-beta-D-glucopyranose-(1-4)-2-acetamido-2-deoxy-beta-D-glucopyranose
6 branched beta-D-mannopyranose-(1-4)-2-acetamido-2-deoxy-beta-D-glucopyranose-(1-4)-2-acetamido-2-deoxy-beta-D-glucopyranose
7 non-polymer (3R)-N-[(2S,3R)-1-(alpha-D-galactopyranosyloxy)-3-hydroxy-15-methylhexadecan-2-yl]-3-hydroxyheptadecanamide
8 non-polymer HEPTANE
9 water water
#
loop_
_entity_poly.entity_id
_entity_poly.type
_entity_poly.pdbx_seq_one_letter_code
_entity_poly.pdbx_strand_id
1 'polypeptide(L)'
;SEAQQKNYTFRCLQMSSFANRSWSRTDSVVWLGDLQTHRWSNDSATISFTKPWSQGKLSNQQWEKLQHMFQVYRVSFTRD
IQELVKMMSPKEDYPIEIQLSAGCEMYPGNASESFLHVAFQGKYVVRFWGTSWQTVPGAPSWLDLPIKVLNADQGTSATV
QMLLNDTCPLFVRGLLEAGKSDLEKQEKPVAWLSSVPSSAHGHRQLVCHVSGFYPKPVWVMWMRGDQEQQGTHRGDFLPN
ADETWYLQATLDVEAGEEAGLACRVKHSSLGGQDIILYWGSLHHILDAQKMVWNHRHHHHHH
;
A
2 'polypeptide(L)'
;IQKTPQIQVYSRHPPENGKPNILNCYVTQFHPPHIEIQMLKNGKKIPKVEMSDMSFSKDWSFYILAHTEFTPTETDTYAC
RVKHASMAEPKTVYWDRDM
;
B
3 'polypeptide(L)'
;TQVEQSPQSLVVRQGENSVLQCNYSVTPDNHLRWFKQDTGKGLVSLTVLVDQKDKTSNGRYSATLDKDAKHSTLHITATL
LDDTATYICVVGDRGSALGRLHFGAGTQLIVIPDIQNPDPAVYQLRDSKSSDKSVCLFTDFDSQTNVSQSKDSDVYITDK
CVLDMRSMDFKSNSAVAWSNKSDFACANAFNNSIIPEDTFFPSPESS
;
C
4 'polypeptide(L)'
;MEAAVTQSPRNKVAVTGGKVTLSCNQTNNHNNMYWYRQDTGHGLRLIHYSYGAGSTEKGDIPDGYKASRPSQENFSLILE
LATPSQTSVYFCASGDEGYTQYFGPGTRLLVLEDLKNVFPPEVAVFEPSEAEISHTQKATLVCLATGFYPDHVELSWWVN
GKEVHSGVCTDPQPLKEQPALNDSRYALSSRLRVSATFWQNPRNHFRCQVQFYGLSENDEWTQDRAKPVTQIVSAEAWGR
AD
;
D
#
loop_
_chem_comp.id
_chem_comp.type
_chem_comp.name
_chem_comp.formula
BMA D-saccharide, beta linking beta-D-mannopyranose 'C6 H12 O6'
HP6 non-polymer HEPTANE 'C7 H16'
NAG D-saccharide, beta linking 2-acetamido-2-deoxy-beta-D-glucopyranose 'C8 H15 N O6'
QOD non-polymer (3R)-N-[(2S,3R)-1-(alpha-D-galactopyranosyloxy)-3-hydroxy-15-methylhexadecan-2-yl]-3-hydroxyheptadecanamide 'C40 H79 N O9'
#
# COMPACT_ATOMS: atom_id res chain seq x y z
N LYS A 6 8.38 -33.29 -28.79
CA LYS A 6 7.30 -32.49 -29.36
C LYS A 6 6.58 -31.64 -28.29
N ASN A 7 6.79 -31.98 -26.99
CA ASN A 7 6.20 -31.30 -25.84
C ASN A 7 7.11 -30.16 -25.36
N TYR A 8 6.60 -28.91 -25.47
CA TYR A 8 7.33 -27.70 -25.07
C TYR A 8 6.74 -27.09 -23.81
N THR A 9 7.60 -26.83 -22.82
CA THR A 9 7.21 -26.20 -21.55
C THR A 9 7.67 -24.76 -21.59
N PHE A 10 6.73 -23.85 -21.35
CA PHE A 10 6.96 -22.42 -21.26
C PHE A 10 7.04 -22.04 -19.77
N ARG A 11 8.10 -21.35 -19.37
CA ARG A 11 8.40 -20.99 -17.99
C ARG A 11 8.78 -19.55 -17.84
N CYS A 12 8.13 -18.86 -16.89
CA CYS A 12 8.36 -17.49 -16.45
C CYS A 12 8.92 -17.62 -15.06
N LEU A 13 10.20 -17.30 -14.91
CA LEU A 13 10.87 -17.47 -13.63
C LEU A 13 11.12 -16.11 -13.02
N GLN A 14 10.74 -15.94 -11.75
CA GLN A 14 10.94 -14.69 -11.05
C GLN A 14 11.82 -14.96 -9.83
N MET A 15 12.80 -14.10 -9.61
CA MET A 15 13.76 -14.22 -8.52
C MET A 15 13.74 -12.92 -7.79
N SER A 16 13.25 -12.94 -6.55
CA SER A 16 13.17 -11.74 -5.72
C SER A 16 13.98 -11.91 -4.46
N SER A 17 14.87 -10.96 -4.20
CA SER A 17 15.74 -10.93 -3.02
C SER A 17 15.34 -9.76 -2.18
N PHE A 18 15.27 -9.92 -0.86
CA PHE A 18 14.91 -8.89 0.13
C PHE A 18 15.95 -8.98 1.22
N ALA A 19 16.89 -8.05 1.29
CA ALA A 19 17.96 -8.12 2.28
C ALA A 19 17.54 -7.61 3.66
N ASN A 20 16.68 -6.61 3.67
CA ASN A 20 16.19 -5.90 4.84
C ASN A 20 14.91 -5.17 4.45
N ARG A 21 14.27 -4.48 5.43
CA ARG A 21 13.01 -3.76 5.24
C ARG A 21 13.06 -2.81 4.03
N SER A 22 14.23 -2.21 3.74
CA SER A 22 14.42 -1.24 2.66
C SER A 22 14.89 -1.85 1.30
N TRP A 23 15.99 -2.62 1.29
CA TRP A 23 16.59 -3.16 0.06
C TRP A 23 15.89 -4.41 -0.46
N SER A 24 15.71 -4.46 -1.79
CA SER A 24 15.11 -5.56 -2.56
C SER A 24 15.37 -5.42 -4.06
N ARG A 25 15.36 -6.55 -4.77
CA ARG A 25 15.51 -6.57 -6.22
C ARG A 25 14.80 -7.80 -6.81
N THR A 26 14.18 -7.63 -7.98
CA THR A 26 13.45 -8.66 -8.70
C THR A 26 13.99 -8.73 -10.12
N ASP A 27 14.38 -9.94 -10.53
CA ASP A 27 14.90 -10.26 -11.85
C ASP A 27 14.14 -11.46 -12.37
N SER A 28 13.75 -11.41 -13.61
CA SER A 28 12.96 -12.44 -14.26
C SER A 28 13.59 -12.84 -15.58
N VAL A 29 13.31 -14.09 -16.01
CA VAL A 29 13.75 -14.73 -17.26
C VAL A 29 12.60 -15.59 -17.74
N VAL A 30 12.47 -15.75 -19.05
CA VAL A 30 11.41 -16.57 -19.65
C VAL A 30 12.08 -17.55 -20.60
N TRP A 31 11.62 -18.82 -20.61
CA TRP A 31 12.12 -19.94 -21.41
C TRP A 31 11.02 -20.65 -22.15
N LEU A 32 11.31 -21.10 -23.37
CA LEU A 32 10.42 -21.93 -24.18
C LEU A 32 11.26 -23.12 -24.53
N GLY A 33 11.12 -24.17 -23.73
CA GLY A 33 11.95 -25.36 -23.79
C GLY A 33 13.31 -24.99 -23.22
N ASP A 34 14.39 -25.06 -24.03
CA ASP A 34 15.70 -24.68 -23.51
C ASP A 34 16.22 -23.35 -24.12
N LEU A 35 15.34 -22.58 -24.79
CA LEU A 35 15.66 -21.28 -25.42
C LEU A 35 15.13 -20.11 -24.57
N GLN A 36 16.02 -19.21 -24.13
CA GLN A 36 15.62 -18.03 -23.36
C GLN A 36 14.98 -17.06 -24.34
N THR A 37 13.76 -16.58 -24.03
CA THR A 37 12.99 -15.69 -24.92
C THR A 37 12.93 -14.25 -24.36
N HIS A 38 12.86 -14.10 -23.03
CA HIS A 38 12.78 -12.79 -22.39
C HIS A 38 13.71 -12.64 -21.19
N ARG A 39 13.95 -11.38 -20.80
CA ARG A 39 14.79 -10.95 -19.68
C ARG A 39 14.22 -9.64 -19.11
N TRP A 40 14.11 -9.58 -17.80
CA TRP A 40 13.66 -8.37 -17.15
C TRP A 40 14.49 -8.13 -15.92
N SER A 41 15.55 -7.35 -16.07
CA SER A 41 16.42 -6.97 -14.96
C SER A 41 15.68 -5.94 -14.05
N ASN A 42 15.99 -5.91 -12.74
CA ASN A 42 15.41 -4.98 -11.75
C ASN A 42 15.59 -3.51 -12.19
N ASP A 43 16.78 -3.22 -12.70
CA ASP A 43 17.27 -1.95 -13.20
C ASP A 43 16.41 -1.45 -14.38
N SER A 44 15.96 -2.38 -15.27
CA SER A 44 15.16 -2.09 -16.46
C SER A 44 13.68 -1.89 -16.17
N ALA A 45 13.10 -0.88 -16.80
CA ALA A 45 11.68 -0.49 -16.73
C ALA A 45 10.83 -1.34 -17.65
N THR A 46 11.45 -1.87 -18.72
CA THR A 46 10.80 -2.64 -19.78
C THR A 46 11.31 -4.07 -19.89
N ILE A 47 10.44 -4.99 -20.31
CA ILE A 47 10.75 -6.41 -20.57
C ILE A 47 11.56 -6.43 -21.85
N SER A 48 12.67 -7.21 -21.88
CA SER A 48 13.54 -7.27 -23.06
C SER A 48 13.36 -8.58 -23.83
N PHE A 49 13.49 -8.50 -25.16
CA PHE A 49 13.41 -9.63 -26.08
C PHE A 49 14.81 -10.13 -26.31
N THR A 50 15.02 -11.42 -26.05
CA THR A 50 16.33 -12.03 -26.24
C THR A 50 16.34 -12.80 -27.58
N LYS A 51 15.19 -12.73 -28.31
CA LYS A 51 14.96 -13.35 -29.63
C LYS A 51 14.16 -12.40 -30.56
N PRO A 52 14.29 -12.50 -31.90
CA PRO A 52 13.50 -11.61 -32.78
C PRO A 52 12.00 -11.95 -32.84
N TRP A 53 11.61 -13.12 -32.31
CA TRP A 53 10.25 -13.62 -32.35
C TRP A 53 9.62 -13.73 -30.96
N SER A 54 10.25 -13.12 -29.94
CA SER A 54 9.84 -13.13 -28.53
C SER A 54 8.44 -12.50 -28.28
N GLN A 55 7.91 -11.70 -29.24
CA GLN A 55 6.59 -11.06 -29.08
C GLN A 55 5.45 -12.02 -29.47
N GLY A 56 5.79 -13.13 -30.12
CA GLY A 56 4.83 -14.13 -30.57
C GLY A 56 3.94 -13.57 -31.67
N LYS A 57 2.66 -13.91 -31.63
CA LYS A 57 1.68 -13.42 -32.60
C LYS A 57 0.91 -12.19 -32.04
N LEU A 58 1.33 -11.67 -30.86
CA LEU A 58 0.73 -10.50 -30.24
C LEU A 58 1.12 -9.22 -30.96
N SER A 59 0.22 -8.22 -30.95
CA SER A 59 0.45 -6.89 -31.53
C SER A 59 1.21 -6.00 -30.53
N ASN A 60 1.84 -4.90 -31.02
CA ASN A 60 2.58 -3.94 -30.19
C ASN A 60 1.67 -3.32 -29.11
N GLN A 61 0.36 -3.23 -29.42
CA GLN A 61 -0.71 -2.74 -28.56
C GLN A 61 -1.05 -3.80 -27.50
N GLN A 62 -1.29 -5.05 -27.94
CA GLN A 62 -1.60 -6.22 -27.10
C GLN A 62 -0.45 -6.51 -26.10
N TRP A 63 0.81 -6.35 -26.57
CA TRP A 63 2.05 -6.54 -25.81
C TRP A 63 2.22 -5.48 -24.73
N GLU A 64 2.02 -4.18 -25.07
CA GLU A 64 2.10 -3.06 -24.12
C GLU A 64 1.03 -3.19 -23.01
N LYS A 65 -0.14 -3.80 -23.33
CA LYS A 65 -1.21 -4.01 -22.35
C LYS A 65 -0.73 -5.00 -21.27
N LEU A 66 -0.07 -6.09 -21.70
CA LEU A 66 0.53 -7.10 -20.82
C LEU A 66 1.73 -6.50 -20.06
N GLN A 67 2.55 -5.70 -20.75
CA GLN A 67 3.73 -5.09 -20.14
C GLN A 67 3.37 -4.12 -19.00
N HIS A 68 2.29 -3.35 -19.16
CA HIS A 68 1.82 -2.43 -18.12
C HIS A 68 1.36 -3.20 -16.89
N MET A 69 0.54 -4.25 -17.09
CA MET A 69 0.05 -5.14 -16.04
C MET A 69 1.24 -5.70 -15.23
N PHE A 70 2.26 -6.24 -15.93
CA PHE A 70 3.45 -6.81 -15.29
C PHE A 70 4.30 -5.76 -14.59
N GLN A 71 4.27 -4.50 -15.07
CA GLN A 71 5.02 -3.41 -14.42
C GLN A 71 4.37 -3.05 -13.11
N VAL A 72 3.03 -3.03 -13.08
CA VAL A 72 2.25 -2.73 -11.88
C VAL A 72 2.48 -3.84 -10.84
N TYR A 73 2.43 -5.10 -11.30
CA TYR A 73 2.63 -6.31 -10.52
C TYR A 73 4.00 -6.30 -9.81
N ARG A 74 5.08 -5.99 -10.52
CA ARG A 74 6.44 -5.98 -10.00
C ARG A 74 6.53 -5.05 -8.77
N VAL A 75 6.00 -3.83 -8.91
CA VAL A 75 5.93 -2.78 -7.88
C VAL A 75 5.10 -3.24 -6.69
N SER A 76 3.95 -3.88 -6.98
CA SER A 76 3.02 -4.36 -5.96
C SER A 76 3.54 -5.54 -5.20
N PHE A 77 4.07 -6.55 -5.91
CA PHE A 77 4.62 -7.76 -5.32
C PHE A 77 5.64 -7.40 -4.19
N THR A 78 6.57 -6.49 -4.49
CA THR A 78 7.64 -6.02 -3.60
C THR A 78 7.09 -5.52 -2.24
N ARG A 79 6.05 -4.66 -2.30
CA ARG A 79 5.41 -4.07 -1.13
C ARG A 79 4.55 -5.08 -0.46
N ASP A 80 3.95 -5.99 -1.23
CA ASP A 80 3.10 -7.04 -0.65
C ASP A 80 3.92 -8.08 0.09
N ILE A 81 5.14 -8.41 -0.38
CA ILE A 81 5.99 -9.37 0.33
C ILE A 81 6.42 -8.75 1.65
N GLN A 82 6.83 -7.48 1.63
CA GLN A 82 7.26 -6.71 2.81
C GLN A 82 6.20 -6.59 3.85
N GLU A 83 4.92 -6.64 3.43
CA GLU A 83 3.78 -6.56 4.35
C GLU A 83 3.51 -7.92 4.97
N LEU A 84 3.55 -9.01 4.15
CA LEU A 84 3.32 -10.39 4.62
C LEU A 84 4.40 -10.82 5.58
N VAL A 85 5.59 -10.19 5.49
CA VAL A 85 6.71 -10.40 6.40
C VAL A 85 6.35 -9.70 7.75
N LYS A 86 5.70 -8.53 7.70
CA LYS A 86 5.31 -7.80 8.90
C LYS A 86 4.23 -8.56 9.70
N MET A 87 3.50 -9.48 9.02
CA MET A 87 2.44 -10.35 9.54
C MET A 87 2.98 -11.57 10.23
N MET A 88 4.08 -12.11 9.71
CA MET A 88 4.71 -13.32 10.21
C MET A 88 5.75 -13.05 11.29
N SER A 89 6.11 -11.78 11.52
CA SER A 89 7.13 -11.36 12.50
C SER A 89 6.79 -11.84 13.92
N PRO A 90 7.74 -12.53 14.61
CA PRO A 90 9.14 -12.80 14.20
C PRO A 90 9.40 -14.23 13.66
N LYS A 91 8.34 -14.99 13.29
CA LYS A 91 8.45 -16.36 12.77
C LYS A 91 9.23 -16.43 11.43
N GLU A 92 9.26 -15.31 10.66
CA GLU A 92 10.01 -15.15 9.40
C GLU A 92 10.65 -13.78 9.38
N ASP A 93 11.94 -13.73 8.98
CA ASP A 93 12.76 -12.52 8.94
C ASP A 93 13.79 -12.51 7.79
N TYR A 94 14.28 -11.30 7.47
CA TYR A 94 15.28 -10.95 6.49
C TYR A 94 16.64 -11.55 6.79
N PRO A 95 17.40 -11.98 5.75
CA PRO A 95 17.08 -11.87 4.31
C PRO A 95 16.09 -12.92 3.80
N ILE A 96 15.19 -12.50 2.88
CA ILE A 96 14.16 -13.35 2.25
C ILE A 96 14.46 -13.52 0.72
N GLU A 97 14.29 -14.76 0.24
CA GLU A 97 14.45 -15.15 -1.17
C GLU A 97 13.15 -15.75 -1.65
N ILE A 98 12.50 -15.15 -2.63
CA ILE A 98 11.26 -15.67 -3.18
C ILE A 98 11.52 -16.04 -4.63
N GLN A 99 11.03 -17.21 -5.03
CA GLN A 99 11.10 -17.69 -6.40
C GLN A 99 9.74 -18.08 -6.85
N LEU A 100 9.48 -17.76 -8.10
CA LEU A 100 8.21 -18.01 -8.73
C LEU A 100 8.41 -18.58 -10.11
N SER A 101 7.63 -19.62 -10.41
CA SER A 101 7.69 -20.33 -11.68
C SER A 101 6.28 -20.55 -12.18
N ALA A 102 5.96 -19.86 -13.25
CA ALA A 102 4.66 -19.91 -13.87
C ALA A 102 4.81 -20.21 -15.33
N GLY A 103 3.84 -20.90 -15.89
CA GLY A 103 3.83 -21.20 -17.30
C GLY A 103 2.80 -22.22 -17.70
N CYS A 104 2.98 -22.77 -18.88
CA CYS A 104 2.12 -23.77 -19.42
C CYS A 104 2.96 -24.70 -20.25
N GLU A 105 2.56 -25.95 -20.36
CA GLU A 105 3.30 -26.90 -21.20
C GLU A 105 2.33 -27.36 -22.28
N MET A 106 2.77 -27.29 -23.55
CA MET A 106 1.94 -27.62 -24.71
C MET A 106 1.92 -29.11 -25.01
N TYR A 107 0.70 -29.67 -24.98
CA TYR A 107 0.39 -31.07 -25.24
C TYR A 107 -0.14 -31.29 -26.67
N PRO A 108 -0.03 -32.52 -27.26
CA PRO A 108 -0.64 -32.76 -28.58
C PRO A 108 -2.16 -32.48 -28.56
N GLY A 109 -2.65 -31.91 -29.66
CA GLY A 109 -4.05 -31.50 -29.80
C GLY A 109 -4.26 -30.14 -29.17
N ASN A 110 -5.52 -29.65 -29.12
CA ASN A 110 -5.82 -28.36 -28.49
C ASN A 110 -5.89 -28.57 -26.96
N ALA A 111 -4.76 -29.04 -26.35
CA ALA A 111 -4.62 -29.37 -24.94
C ALA A 111 -3.34 -28.80 -24.31
N SER A 112 -3.46 -28.32 -23.04
CA SER A 112 -2.40 -27.71 -22.22
C SER A 112 -2.85 -27.50 -20.76
N GLU A 113 -1.91 -27.72 -19.80
CA GLU A 113 -2.13 -27.53 -18.37
C GLU A 113 -1.20 -26.42 -17.83
N SER A 114 -1.75 -25.47 -17.07
CA SER A 114 -0.96 -24.36 -16.53
C SER A 114 -0.51 -24.63 -15.08
N PHE A 115 0.44 -23.82 -14.58
CA PHE A 115 0.98 -23.96 -13.22
C PHE A 115 1.57 -22.65 -12.76
N LEU A 116 1.59 -22.47 -11.45
CA LEU A 116 2.13 -21.31 -10.78
C LEU A 116 2.59 -21.80 -9.41
N HIS A 117 3.91 -22.00 -9.25
CA HIS A 117 4.55 -22.49 -8.04
C HIS A 117 5.41 -21.40 -7.40
N VAL A 118 5.40 -21.35 -6.06
CA VAL A 118 6.17 -20.37 -5.29
C VAL A 118 7.01 -21.09 -4.27
N ALA A 119 8.31 -20.75 -4.23
CA ALA A 119 9.26 -21.27 -3.27
C ALA A 119 9.72 -20.13 -2.39
N PHE A 120 9.78 -20.37 -1.10
CA PHE A 120 10.16 -19.39 -0.10
C PHE A 120 11.38 -19.89 0.59
N GLN A 121 12.45 -19.10 0.60
CA GLN A 121 13.75 -19.40 1.19
C GLN A 121 14.30 -20.76 0.68
N GLY A 122 14.20 -20.95 -0.64
CA GLY A 122 14.67 -22.13 -1.35
C GLY A 122 13.72 -23.32 -1.44
N LYS A 123 12.63 -23.32 -0.68
CA LYS A 123 11.71 -24.47 -0.63
C LYS A 123 10.33 -24.16 -1.19
N TYR A 124 9.81 -25.06 -2.04
CA TYR A 124 8.47 -25.01 -2.66
C TYR A 124 7.39 -24.98 -1.57
N VAL A 125 6.54 -23.92 -1.49
CA VAL A 125 5.58 -23.77 -0.39
C VAL A 125 4.13 -23.50 -0.80
N VAL A 126 3.92 -22.80 -1.90
CA VAL A 126 2.60 -22.34 -2.32
C VAL A 126 2.41 -22.55 -3.82
N ARG A 127 1.16 -22.77 -4.25
CA ARG A 127 0.81 -22.84 -5.66
C ARG A 127 -0.54 -22.16 -5.90
N PHE A 128 -0.82 -21.81 -7.17
CA PHE A 128 -2.13 -21.27 -7.52
C PHE A 128 -2.88 -22.42 -8.13
N TRP A 129 -4.02 -22.78 -7.55
CA TRP A 129 -4.77 -23.93 -8.02
C TRP A 129 -6.25 -23.62 -8.05
N GLY A 130 -6.78 -23.67 -9.26
CA GLY A 130 -8.18 -23.38 -9.54
C GLY A 130 -8.47 -21.91 -9.45
N THR A 131 -8.95 -21.46 -8.29
CA THR A 131 -9.35 -20.05 -8.09
C THR A 131 -8.68 -19.41 -6.87
N SER A 132 -7.73 -20.12 -6.25
CA SER A 132 -7.06 -19.61 -5.06
C SER A 132 -5.62 -20.04 -4.95
N TRP A 133 -4.90 -19.31 -4.09
CA TRP A 133 -3.56 -19.60 -3.59
C TRP A 133 -3.69 -20.69 -2.52
N GLN A 134 -2.86 -21.70 -2.56
CA GLN A 134 -2.93 -22.73 -1.52
C GLN A 134 -1.56 -23.20 -1.13
N THR A 135 -1.40 -23.53 0.16
CA THR A 135 -0.14 -24.03 0.69
C THR A 135 0.02 -25.51 0.26
N VAL A 136 1.26 -25.97 0.14
CA VAL A 136 1.50 -27.36 -0.26
C VAL A 136 1.58 -28.22 0.98
N PRO A 137 1.44 -29.57 0.90
CA PRO A 137 1.53 -30.37 2.14
C PRO A 137 2.95 -30.35 2.69
N GLY A 138 3.07 -30.07 3.99
CA GLY A 138 4.35 -29.93 4.66
C GLY A 138 4.79 -28.48 4.77
N ALA A 139 3.99 -27.56 4.21
CA ALA A 139 4.28 -26.13 4.28
C ALA A 139 4.08 -25.64 5.72
N PRO A 140 4.91 -24.68 6.19
CA PRO A 140 4.76 -24.21 7.57
C PRO A 140 3.43 -23.52 7.83
N SER A 141 2.96 -23.73 9.06
CA SER A 141 1.73 -23.25 9.68
C SER A 141 1.60 -21.71 9.67
N TRP A 142 2.73 -21.00 9.81
CA TRP A 142 2.71 -19.53 9.87
C TRP A 142 2.45 -18.90 8.47
N LEU A 143 2.28 -19.73 7.41
CA LEU A 143 1.95 -19.26 6.07
C LEU A 143 0.44 -19.24 5.81
N ASP A 144 -0.37 -19.82 6.69
CA ASP A 144 -1.83 -19.88 6.53
C ASP A 144 -2.49 -18.49 6.56
N LEU A 145 -2.11 -17.59 7.49
CA LEU A 145 -2.66 -16.23 7.56
C LEU A 145 -2.21 -15.42 6.30
N PRO A 146 -0.90 -15.33 5.90
CA PRO A 146 -0.56 -14.66 4.64
C PRO A 146 -1.32 -15.18 3.43
N ILE A 147 -1.63 -16.49 3.36
CA ILE A 147 -2.36 -17.10 2.23
C ILE A 147 -3.84 -16.67 2.32
N LYS A 148 -4.35 -16.45 3.53
CA LYS A 148 -5.75 -16.03 3.73
C LYS A 148 -5.93 -14.55 3.25
N VAL A 149 -4.96 -13.65 3.56
CA VAL A 149 -4.98 -12.25 3.12
C VAL A 149 -4.81 -12.19 1.57
N LEU A 150 -3.91 -13.00 0.98
CA LEU A 150 -3.74 -13.04 -0.50
C LEU A 150 -5.02 -13.50 -1.19
N ASN A 151 -5.73 -14.49 -0.60
CA ASN A 151 -6.99 -15.02 -1.15
C ASN A 151 -8.16 -14.04 -0.99
N ALA A 152 -8.02 -13.00 -0.13
CA ALA A 152 -9.05 -11.96 0.05
C ALA A 152 -9.13 -11.03 -1.17
N ASP A 153 -8.00 -10.86 -1.90
CA ASP A 153 -7.83 -10.04 -3.10
C ASP A 153 -8.43 -10.74 -4.32
N GLN A 154 -9.72 -10.52 -4.58
CA GLN A 154 -10.49 -11.14 -5.66
C GLN A 154 -10.03 -10.69 -7.06
N GLY A 155 -9.54 -9.46 -7.20
CA GLY A 155 -9.05 -8.90 -8.46
C GLY A 155 -7.81 -9.60 -8.99
N THR A 156 -6.78 -9.77 -8.15
CA THR A 156 -5.53 -10.46 -8.49
C THR A 156 -5.84 -11.90 -8.91
N SER A 157 -6.68 -12.57 -8.12
CA SER A 157 -7.13 -13.94 -8.30
C SER A 157 -7.81 -14.11 -9.64
N ALA A 158 -8.69 -13.16 -10.01
CA ALA A 158 -9.40 -13.18 -11.30
C ALA A 158 -8.44 -13.04 -12.49
N THR A 159 -7.46 -12.12 -12.42
CA THR A 159 -6.48 -11.91 -13.50
C THR A 159 -5.49 -13.11 -13.58
N VAL A 160 -5.08 -13.68 -12.43
CA VAL A 160 -4.19 -14.86 -12.40
C VAL A 160 -4.89 -16.04 -13.11
N GLN A 161 -6.20 -16.26 -12.85
CA GLN A 161 -7.00 -17.29 -13.49
C GLN A 161 -7.06 -17.04 -14.98
N MET A 162 -7.24 -15.78 -15.39
CA MET A 162 -7.28 -15.39 -16.80
C MET A 162 -5.94 -15.70 -17.50
N LEU A 163 -4.81 -15.34 -16.88
CA LEU A 163 -3.46 -15.56 -17.39
C LEU A 163 -3.10 -17.04 -17.51
N LEU A 164 -3.55 -17.83 -16.56
CA LEU A 164 -3.24 -19.24 -16.53
C LEU A 164 -4.13 -20.03 -17.48
N ASN A 165 -5.44 -19.79 -17.43
CA ASN A 165 -6.39 -20.54 -18.25
C ASN A 165 -6.38 -20.13 -19.72
N ASP A 166 -6.32 -18.82 -20.02
CA ASP A 166 -6.44 -18.32 -21.39
C ASP A 166 -5.17 -17.70 -22.00
N THR A 167 -4.61 -16.63 -21.40
CA THR A 167 -3.49 -15.86 -21.93
C THR A 167 -2.23 -16.72 -22.18
N CYS A 168 -1.73 -17.51 -21.18
CA CYS A 168 -0.53 -18.37 -21.35
C CYS A 168 -0.67 -19.27 -22.59
N PRO A 169 -1.70 -20.15 -22.73
CA PRO A 169 -1.73 -21.04 -23.92
C PRO A 169 -1.80 -20.26 -25.24
N LEU A 170 -2.72 -19.30 -25.34
CA LEU A 170 -2.92 -18.44 -26.49
C LEU A 170 -1.58 -17.87 -26.97
N PHE A 171 -0.81 -17.26 -26.04
CA PHE A 171 0.51 -16.65 -26.32
C PHE A 171 1.54 -17.68 -26.77
N VAL A 172 1.60 -18.85 -26.11
CA VAL A 172 2.60 -19.88 -26.36
C VAL A 172 2.34 -20.55 -27.71
N ARG A 173 1.05 -20.81 -28.08
CA ARG A 173 0.70 -21.36 -29.40
C ARG A 173 1.35 -20.52 -30.51
N GLY A 174 1.23 -19.20 -30.40
CA GLY A 174 1.82 -18.24 -31.32
C GLY A 174 3.34 -18.14 -31.23
N LEU A 175 3.89 -18.34 -30.02
CA LEU A 175 5.33 -18.29 -29.75
C LEU A 175 6.07 -19.46 -30.40
N LEU A 176 5.39 -20.61 -30.53
CA LEU A 176 5.89 -21.82 -31.17
C LEU A 176 5.93 -21.62 -32.68
N GLU A 177 4.96 -20.87 -33.21
CA GLU A 177 4.85 -20.51 -34.62
C GLU A 177 6.01 -19.60 -35.03
N ALA A 178 6.15 -18.46 -34.32
CA ALA A 178 7.17 -17.43 -34.55
C ALA A 178 8.60 -17.96 -34.38
N GLY A 179 8.80 -18.89 -33.44
CA GLY A 179 10.11 -19.44 -33.15
C GLY A 179 10.44 -20.83 -33.65
N LYS A 180 9.59 -21.41 -34.53
CA LYS A 180 9.77 -22.74 -35.12
C LYS A 180 11.16 -22.94 -35.72
N SER A 181 11.70 -21.91 -36.43
CA SER A 181 13.00 -21.92 -37.10
C SER A 181 14.17 -22.12 -36.16
N ASP A 182 14.06 -21.65 -34.90
CA ASP A 182 15.12 -21.79 -33.89
C ASP A 182 14.92 -23.04 -33.04
N LEU A 183 13.64 -23.45 -32.81
CA LEU A 183 13.30 -24.63 -32.00
C LEU A 183 13.76 -25.91 -32.71
N GLU A 184 13.53 -26.01 -34.03
CA GLU A 184 13.90 -27.15 -34.87
C GLU A 184 15.28 -26.96 -35.53
N LYS A 185 16.07 -25.97 -35.07
CA LYS A 185 17.43 -25.72 -35.57
C LYS A 185 18.33 -26.91 -35.15
N GLN A 186 19.18 -27.38 -36.08
CA GLN A 186 20.07 -28.52 -35.88
C GLN A 186 21.53 -28.08 -35.92
N GLU A 187 22.24 -28.25 -34.81
CA GLU A 187 23.67 -27.92 -34.69
C GLU A 187 24.44 -29.21 -34.46
N LYS A 188 25.41 -29.47 -35.33
CA LYS A 188 26.17 -30.71 -35.27
C LYS A 188 27.13 -30.76 -34.08
N PRO A 189 27.22 -31.92 -33.38
CA PRO A 189 28.21 -32.06 -32.30
C PRO A 189 29.64 -32.30 -32.82
N VAL A 190 30.64 -31.99 -31.97
CA VAL A 190 32.07 -32.21 -32.21
C VAL A 190 32.62 -32.91 -30.95
N ALA A 191 33.24 -34.06 -31.13
CA ALA A 191 33.77 -34.91 -30.10
C ALA A 191 35.29 -34.95 -30.10
N TRP A 192 35.91 -35.09 -28.91
CA TRP A 192 37.34 -35.21 -28.79
C TRP A 192 37.63 -36.08 -27.57
N LEU A 193 38.80 -36.65 -27.46
CA LEU A 193 39.14 -37.58 -26.38
C LEU A 193 40.23 -37.07 -25.50
N SER A 194 40.24 -37.56 -24.26
CA SER A 194 41.27 -37.28 -23.27
C SER A 194 41.18 -38.35 -22.19
N SER A 195 42.14 -38.39 -21.30
CA SER A 195 42.15 -39.35 -20.19
C SER A 195 42.82 -38.72 -19.01
N VAL A 196 42.42 -39.17 -17.81
CA VAL A 196 42.97 -38.77 -16.51
C VAL A 196 43.26 -40.05 -15.73
N PRO A 197 44.05 -40.01 -14.61
CA PRO A 197 44.16 -41.22 -13.79
C PRO A 197 42.84 -41.40 -13.02
N SER A 198 42.46 -42.64 -12.80
CA SER A 198 41.26 -42.89 -12.05
C SER A 198 41.58 -42.79 -10.53
N SER A 199 40.55 -42.86 -9.66
CA SER A 199 40.72 -42.87 -8.20
C SER A 199 41.39 -44.18 -7.76
N ALA A 200 41.19 -45.25 -8.54
CA ALA A 200 41.75 -46.57 -8.30
C ALA A 200 43.12 -46.72 -8.94
N HIS A 201 44.00 -47.41 -8.21
CA HIS A 201 45.37 -47.65 -8.60
C HIS A 201 45.46 -48.46 -9.90
N GLY A 202 46.33 -48.00 -10.80
CA GLY A 202 46.58 -48.63 -12.09
C GLY A 202 45.46 -48.50 -13.11
N HIS A 203 44.52 -47.58 -12.86
CA HIS A 203 43.38 -47.36 -13.74
C HIS A 203 43.45 -45.99 -14.33
N ARG A 204 42.82 -45.85 -15.48
CA ARG A 204 42.64 -44.58 -16.20
C ARG A 204 41.16 -44.33 -16.39
N GLN A 205 40.77 -43.09 -16.51
CA GLN A 205 39.43 -42.65 -16.81
C GLN A 205 39.49 -42.03 -18.18
N LEU A 206 38.78 -42.60 -19.15
CA LEU A 206 38.72 -42.11 -20.54
C LEU A 206 37.58 -41.10 -20.61
N VAL A 207 37.80 -39.95 -21.28
CA VAL A 207 36.79 -38.91 -21.38
C VAL A 207 36.50 -38.63 -22.85
N CYS A 208 35.23 -38.74 -23.23
CA CYS A 208 34.74 -38.39 -24.56
C CYS A 208 33.95 -37.08 -24.41
N HIS A 209 34.46 -35.99 -24.99
CA HIS A 209 33.82 -34.67 -24.89
C HIS A 209 32.99 -34.46 -26.10
N VAL A 210 31.75 -34.04 -25.93
CA VAL A 210 30.82 -33.81 -27.06
C VAL A 210 30.28 -32.41 -26.88
N SER A 211 30.59 -31.50 -27.78
CA SER A 211 30.15 -30.12 -27.60
C SER A 211 29.50 -29.55 -28.84
N GLY A 212 28.69 -28.54 -28.65
CA GLY A 212 28.06 -27.81 -29.75
C GLY A 212 26.86 -28.40 -30.45
N PHE A 213 26.18 -29.37 -29.85
CA PHE A 213 24.98 -29.99 -30.45
C PHE A 213 23.68 -29.32 -29.97
N TYR A 214 22.71 -29.30 -30.87
CA TYR A 214 21.36 -28.80 -30.66
C TYR A 214 20.42 -29.50 -31.65
N PRO A 215 19.23 -30.04 -31.21
CA PRO A 215 18.66 -30.01 -29.84
C PRO A 215 19.42 -30.91 -28.86
N LYS A 216 19.06 -30.84 -27.55
CA LYS A 216 19.64 -31.54 -26.40
C LYS A 216 19.70 -33.09 -26.48
N PRO A 217 18.66 -33.86 -26.91
CA PRO A 217 18.81 -35.34 -26.88
C PRO A 217 20.00 -35.80 -27.72
N VAL A 218 20.87 -36.64 -27.13
CA VAL A 218 22.10 -37.13 -27.73
C VAL A 218 22.38 -38.54 -27.18
N TRP A 219 23.17 -39.34 -27.90
CA TRP A 219 23.53 -40.67 -27.48
C TRP A 219 25.03 -40.77 -27.60
N VAL A 220 25.72 -40.95 -26.46
CA VAL A 220 27.17 -41.04 -26.37
C VAL A 220 27.52 -42.34 -25.62
N MET A 221 28.27 -43.23 -26.27
CA MET A 221 28.63 -44.49 -25.63
C MET A 221 30.00 -44.92 -26.02
N TRP A 222 30.75 -45.43 -25.06
CA TRP A 222 32.02 -46.09 -25.30
C TRP A 222 31.71 -47.48 -25.76
N MET A 223 32.35 -47.88 -26.85
CA MET A 223 32.16 -49.18 -27.45
C MET A 223 33.44 -49.96 -27.59
N ARG A 224 33.30 -51.30 -27.69
CA ARG A 224 34.36 -52.21 -28.10
C ARG A 224 33.70 -53.10 -29.19
N GLY A 225 33.82 -52.65 -30.44
CA GLY A 225 33.13 -53.24 -31.58
C GLY A 225 31.65 -52.95 -31.42
N ASP A 226 30.84 -54.02 -31.32
CA ASP A 226 29.38 -53.98 -31.15
C ASP A 226 28.95 -53.93 -29.68
N GLN A 227 29.89 -54.03 -28.76
CA GLN A 227 29.67 -54.12 -27.32
C GLN A 227 29.78 -52.78 -26.64
N GLU A 228 28.65 -52.27 -26.11
CA GLU A 228 28.57 -51.01 -25.35
C GLU A 228 29.17 -51.24 -23.98
N GLN A 229 30.16 -50.44 -23.61
CA GLN A 229 30.79 -50.59 -22.29
C GLN A 229 29.82 -50.09 -21.25
N GLN A 230 29.30 -51.00 -20.39
CA GLN A 230 28.28 -50.63 -19.40
C GLN A 230 28.81 -49.77 -18.24
N GLY A 231 30.14 -49.56 -18.18
CA GLY A 231 30.72 -48.68 -17.19
C GLY A 231 30.62 -47.22 -17.64
N THR A 232 30.12 -46.95 -18.89
CA THR A 232 30.02 -45.59 -19.43
C THR A 232 29.15 -44.75 -18.52
N HIS A 233 29.74 -43.69 -17.97
CA HIS A 233 29.03 -42.75 -17.13
C HIS A 233 28.73 -41.53 -17.95
N ARG A 234 27.44 -41.28 -18.13
CA ARG A 234 26.93 -40.14 -18.86
C ARG A 234 26.87 -38.90 -17.93
N GLY A 235 27.64 -37.88 -18.24
CA GLY A 235 27.63 -36.64 -17.47
C GLY A 235 26.38 -35.80 -17.69
N ASP A 236 26.24 -34.71 -16.95
CA ASP A 236 25.11 -33.82 -17.15
C ASP A 236 25.33 -32.95 -18.37
N PHE A 237 24.24 -32.42 -18.92
CA PHE A 237 24.27 -31.45 -19.99
C PHE A 237 24.74 -30.11 -19.42
N LEU A 238 25.84 -29.59 -19.96
CA LEU A 238 26.40 -28.31 -19.56
C LEU A 238 26.14 -27.34 -20.68
N PRO A 239 25.69 -26.09 -20.42
CA PRO A 239 25.39 -25.22 -21.55
C PRO A 239 26.61 -24.50 -22.13
N ASN A 240 26.51 -24.23 -23.43
CA ASN A 240 27.44 -23.41 -24.16
C ASN A 240 26.80 -22.04 -24.26
N ALA A 241 27.65 -21.01 -24.36
CA ALA A 241 27.25 -19.60 -24.44
C ALA A 241 26.43 -19.25 -25.70
N ASP A 242 26.51 -20.06 -26.79
CA ASP A 242 25.87 -19.84 -28.09
C ASP A 242 24.62 -20.71 -28.31
N GLU A 243 23.97 -21.13 -27.22
CA GLU A 243 22.75 -21.95 -27.19
C GLU A 243 22.95 -23.39 -27.71
N THR A 244 24.13 -23.97 -27.50
CA THR A 244 24.37 -25.36 -27.84
C THR A 244 24.65 -26.09 -26.52
N TRP A 245 24.89 -27.41 -26.59
CA TRP A 245 25.14 -28.19 -25.39
C TRP A 245 26.49 -28.89 -25.39
N TYR A 246 26.94 -29.23 -24.20
CA TYR A 246 28.17 -29.95 -23.95
C TYR A 246 27.83 -31.13 -23.07
N LEU A 247 28.46 -32.28 -23.33
CA LEU A 247 28.29 -33.50 -22.56
C LEU A 247 29.59 -34.29 -22.56
N GLN A 248 29.93 -34.82 -21.40
CA GLN A 248 31.05 -35.71 -21.21
C GLN A 248 30.50 -37.10 -20.94
N ALA A 249 31.19 -38.15 -21.40
CA ALA A 249 30.91 -39.57 -21.13
C ALA A 249 32.24 -40.22 -20.82
N THR A 250 32.37 -40.73 -19.61
CA THR A 250 33.62 -41.25 -19.08
C THR A 250 33.55 -42.75 -18.91
N LEU A 251 34.73 -43.37 -18.92
CA LEU A 251 34.88 -44.80 -18.79
C LEU A 251 36.15 -45.13 -18.06
N ASP A 252 36.02 -45.79 -16.94
CA ASP A 252 37.13 -46.29 -16.15
C ASP A 252 37.70 -47.59 -16.76
N VAL A 253 38.98 -47.57 -17.17
CA VAL A 253 39.65 -48.76 -17.74
C VAL A 253 40.95 -49.04 -17.01
N GLU A 254 41.41 -50.27 -17.05
CA GLU A 254 42.68 -50.65 -16.48
C GLU A 254 43.74 -50.22 -17.48
N ALA A 255 44.81 -49.56 -17.02
CA ALA A 255 45.90 -49.06 -17.87
C ALA A 255 46.42 -50.17 -18.81
N GLY A 256 46.28 -49.91 -20.12
CA GLY A 256 46.66 -50.82 -21.20
C GLY A 256 45.49 -51.37 -21.99
N GLU A 257 44.27 -51.20 -21.49
CA GLU A 257 43.05 -51.72 -22.11
C GLU A 257 42.37 -50.70 -23.03
N GLU A 258 42.94 -49.50 -23.18
CA GLU A 258 42.36 -48.45 -24.02
C GLU A 258 42.29 -48.82 -25.50
N ALA A 259 43.32 -49.48 -26.06
CA ALA A 259 43.33 -49.88 -27.49
C ALA A 259 42.10 -50.76 -27.80
N GLY A 260 41.39 -50.40 -28.87
CA GLY A 260 40.15 -51.09 -29.25
C GLY A 260 38.88 -50.34 -28.86
N LEU A 261 38.99 -49.39 -27.94
CA LEU A 261 37.84 -48.60 -27.51
C LEU A 261 37.59 -47.46 -28.46
N ALA A 262 36.30 -47.13 -28.60
CA ALA A 262 35.78 -46.07 -29.46
C ALA A 262 34.67 -45.35 -28.76
N CYS A 263 34.48 -44.08 -29.06
CA CYS A 263 33.37 -43.32 -28.52
C CYS A 263 32.41 -43.09 -29.67
N ARG A 264 31.18 -43.59 -29.56
CA ARG A 264 30.15 -43.43 -30.59
C ARG A 264 29.15 -42.33 -30.20
N VAL A 265 28.87 -41.36 -31.09
CA VAL A 265 27.91 -40.29 -30.84
C VAL A 265 26.79 -40.33 -31.90
N LYS A 266 25.53 -40.51 -31.44
CA LYS A 266 24.34 -40.52 -32.29
C LYS A 266 23.50 -39.27 -31.99
N HIS A 267 23.25 -38.45 -33.03
CA HIS A 267 22.48 -37.22 -32.90
C HIS A 267 21.65 -36.99 -34.17
N SER A 268 20.50 -36.33 -34.00
CA SER A 268 19.55 -36.03 -35.06
C SER A 268 20.16 -35.18 -36.20
N SER A 269 21.16 -34.33 -35.89
CA SER A 269 21.80 -33.39 -36.81
C SER A 269 22.82 -34.06 -37.72
N LEU A 270 23.20 -35.32 -37.40
CA LEU A 270 24.22 -36.06 -38.15
C LEU A 270 23.66 -36.88 -39.33
N GLY A 271 22.33 -36.97 -39.45
CA GLY A 271 21.65 -37.68 -40.54
C GLY A 271 22.04 -39.14 -40.72
N GLY A 272 22.14 -39.85 -39.59
CA GLY A 272 22.50 -41.27 -39.52
C GLY A 272 24.00 -41.57 -39.59
N GLN A 273 24.82 -40.52 -39.78
CA GLN A 273 26.27 -40.62 -39.91
C GLN A 273 26.92 -40.29 -38.56
N ASP A 274 26.99 -41.30 -37.68
CA ASP A 274 27.51 -41.19 -36.31
C ASP A 274 28.95 -40.78 -36.27
N ILE A 275 29.37 -40.22 -35.13
CA ILE A 275 30.73 -39.84 -34.88
C ILE A 275 31.36 -41.02 -34.14
N ILE A 276 32.40 -41.63 -34.75
CA ILE A 276 33.10 -42.76 -34.15
C ILE A 276 34.54 -42.34 -33.96
N LEU A 277 34.89 -42.12 -32.70
CA LEU A 277 36.21 -41.69 -32.26
C LEU A 277 36.96 -42.84 -31.62
N TYR A 278 37.94 -43.39 -32.33
CA TYR A 278 38.77 -44.52 -31.91
C TYR A 278 39.90 -44.02 -31.09
N TRP A 279 40.14 -44.64 -29.93
CA TRP A 279 41.20 -44.28 -29.01
C TRP A 279 42.58 -44.09 -29.74
N GLY A 280 43.48 -45.06 -29.84
CA GLY A 280 44.81 -44.81 -30.38
C GLY A 280 45.04 -44.57 -31.87
N SER A 281 44.05 -43.96 -32.56
CA SER A 281 44.12 -43.67 -34.00
C SER A 281 45.02 -42.46 -34.28
N LEU A 282 45.49 -42.34 -35.53
CA LEU A 282 46.36 -41.24 -35.98
C LEU A 282 45.72 -39.85 -35.76
N HIS A 283 44.39 -39.72 -35.97
CA HIS A 283 43.63 -38.51 -35.71
C HIS A 283 43.72 -38.14 -34.23
N HIS A 284 43.56 -39.14 -33.33
CA HIS A 284 43.65 -38.94 -31.89
C HIS A 284 45.05 -38.51 -31.48
N ILE A 285 46.09 -39.26 -31.91
CA ILE A 285 47.51 -38.99 -31.63
C ILE A 285 47.85 -37.51 -31.92
N LEU A 286 47.48 -36.99 -33.13
CA LEU A 286 47.70 -35.60 -33.57
C LEU A 286 46.89 -34.59 -32.70
N ASP A 287 45.63 -34.89 -32.41
CA ASP A 287 44.73 -34.11 -31.53
C ASP A 287 45.32 -33.99 -30.11
N ALA A 288 45.74 -35.14 -29.53
CA ALA A 288 46.37 -35.26 -28.21
C ALA A 288 47.69 -34.48 -28.15
N GLN A 289 48.49 -34.47 -29.22
CA GLN A 289 49.78 -33.77 -29.22
C GLN A 289 49.58 -32.25 -29.28
N LYS A 290 48.43 -31.78 -29.79
CA LYS A 290 48.05 -30.37 -29.92
C LYS A 290 47.43 -29.79 -28.62
N MET A 291 47.14 -30.65 -27.61
CA MET A 291 46.57 -30.18 -26.35
C MET A 291 47.44 -30.60 -25.12
N VAL A 292 48.76 -30.74 -25.31
CA VAL A 292 49.72 -31.08 -24.23
C VAL A 292 49.97 -29.85 -23.32
N TRP A 293 50.15 -30.09 -22.02
CA TRP A 293 50.39 -29.03 -21.04
C TRP A 293 51.27 -29.56 -19.90
N ASN A 294 51.75 -28.68 -19.01
CA ASN A 294 52.64 -29.01 -17.90
C ASN A 294 51.90 -29.67 -16.69
N HIS A 295 50.54 -29.76 -16.74
CA HIS A 295 49.67 -30.39 -15.72
C HIS A 295 49.73 -29.67 -14.37
N ARG A 296 50.15 -28.40 -14.37
CA ARG A 296 50.20 -27.62 -13.15
C ARG A 296 48.79 -27.25 -12.76
N HIS A 297 48.46 -27.51 -11.48
CA HIS A 297 47.16 -27.28 -10.84
C HIS A 297 46.09 -28.22 -11.39
N HIS A 298 46.49 -29.46 -11.85
CA HIS A 298 45.53 -30.49 -12.28
C HIS A 298 44.66 -30.82 -11.05
N HIS A 299 43.53 -31.51 -11.22
CA HIS A 299 42.61 -31.74 -10.11
C HIS A 299 43.20 -32.77 -9.06
N HIS A 300 42.59 -33.94 -8.86
CA HIS A 300 43.09 -34.89 -7.85
C HIS A 300 42.87 -36.33 -8.34
N HIS A 301 42.56 -36.46 -9.65
CA HIS A 301 42.28 -37.67 -10.42
C HIS A 301 43.39 -38.69 -10.27
N ILE B 1 18.84 -23.95 4.05
CA ILE B 1 18.54 -22.80 3.17
C ILE B 1 19.81 -22.47 2.33
N GLN B 2 20.97 -22.26 2.99
CA GLN B 2 22.26 -21.92 2.36
C GLN B 2 22.93 -23.15 1.73
N LYS B 3 23.29 -23.06 0.44
CA LYS B 3 23.90 -24.14 -0.36
C LYS B 3 25.18 -23.67 -1.06
N THR B 4 26.14 -24.57 -1.15
CA THR B 4 27.43 -24.28 -1.77
C THR B 4 27.34 -24.44 -3.30
N PRO B 5 27.99 -23.54 -4.07
CA PRO B 5 27.98 -23.69 -5.52
C PRO B 5 28.92 -24.78 -6.05
N GLN B 6 28.45 -25.44 -7.11
CA GLN B 6 29.21 -26.40 -7.88
C GLN B 6 29.77 -25.58 -9.04
N ILE B 7 31.08 -25.70 -9.34
CA ILE B 7 31.77 -24.96 -10.41
C ILE B 7 32.28 -25.96 -11.45
N GLN B 8 31.98 -25.72 -12.73
CA GLN B 8 32.44 -26.56 -13.84
C GLN B 8 33.10 -25.69 -14.88
N VAL B 9 34.40 -25.95 -15.13
CA VAL B 9 35.22 -25.20 -16.08
C VAL B 9 35.53 -26.11 -17.26
N TYR B 10 35.11 -25.68 -18.46
CA TYR B 10 35.27 -26.45 -19.71
C TYR B 10 35.34 -25.51 -20.92
N SER B 11 35.95 -25.96 -22.02
CA SER B 11 36.07 -25.18 -23.27
C SER B 11 34.94 -25.51 -24.28
N ARG B 12 34.56 -24.53 -25.09
CA ARG B 12 33.53 -24.63 -26.13
C ARG B 12 33.96 -25.59 -27.27
N HIS B 13 35.21 -25.46 -27.74
CA HIS B 13 35.77 -26.25 -28.84
C HIS B 13 36.90 -27.15 -28.38
N PRO B 14 37.33 -28.17 -29.19
CA PRO B 14 38.50 -28.97 -28.78
C PRO B 14 39.72 -28.09 -28.51
N PRO B 15 40.37 -28.20 -27.34
CA PRO B 15 41.57 -27.36 -27.10
C PRO B 15 42.80 -27.69 -27.99
N GLU B 16 43.28 -26.68 -28.72
CA GLU B 16 44.48 -26.71 -29.55
C GLU B 16 45.37 -25.56 -29.07
N ASN B 17 46.57 -25.84 -28.56
CA ASN B 17 47.50 -24.83 -28.05
C ASN B 17 47.78 -23.72 -29.07
N GLY B 18 47.67 -22.47 -28.63
CA GLY B 18 47.91 -21.30 -29.46
C GLY B 18 46.75 -20.95 -30.37
N LYS B 19 45.60 -21.63 -30.22
CA LYS B 19 44.44 -21.37 -31.05
C LYS B 19 43.27 -20.79 -30.19
N PRO B 20 42.75 -19.57 -30.56
CA PRO B 20 41.66 -18.94 -29.79
C PRO B 20 40.43 -19.84 -29.60
N ASN B 21 39.78 -19.73 -28.42
CA ASN B 21 38.66 -20.55 -27.99
C ASN B 21 37.82 -19.79 -26.98
N ILE B 22 36.79 -20.44 -26.41
CA ILE B 22 35.93 -19.87 -25.38
C ILE B 22 36.00 -20.75 -24.15
N LEU B 23 36.32 -20.14 -22.98
CA LEU B 23 36.36 -20.87 -21.73
C LEU B 23 35.08 -20.62 -20.95
N ASN B 24 34.36 -21.72 -20.63
CA ASN B 24 33.10 -21.67 -19.88
C ASN B 24 33.32 -22.05 -18.42
N CYS B 25 32.63 -21.33 -17.55
CA CYS B 25 32.55 -21.57 -16.12
C CYS B 25 31.05 -21.61 -15.80
N TYR B 26 30.52 -22.82 -15.58
CA TYR B 26 29.12 -23.04 -15.25
C TYR B 26 28.99 -23.18 -13.73
N VAL B 27 28.33 -22.22 -13.06
CA VAL B 27 28.18 -22.24 -11.60
C VAL B 27 26.73 -22.63 -11.29
N THR B 28 26.60 -23.68 -10.50
CA THR B 28 25.29 -24.29 -10.29
C THR B 28 25.00 -24.65 -8.78
N GLN B 29 23.73 -25.01 -8.48
CA GLN B 29 23.23 -25.53 -7.20
C GLN B 29 23.45 -24.61 -5.97
N PHE B 30 23.49 -23.30 -6.14
CA PHE B 30 23.77 -22.46 -4.98
C PHE B 30 22.50 -21.74 -4.51
N HIS B 31 22.55 -21.33 -3.24
CA HIS B 31 21.54 -20.56 -2.53
C HIS B 31 22.20 -19.82 -1.35
N PRO B 32 21.97 -18.50 -1.16
CA PRO B 32 21.11 -17.58 -1.94
C PRO B 32 21.67 -17.24 -3.35
N PRO B 33 20.90 -16.54 -4.23
CA PRO B 33 21.41 -16.25 -5.58
C PRO B 33 22.53 -15.18 -5.66
N HIS B 34 22.90 -14.52 -4.55
CA HIS B 34 23.99 -13.54 -4.65
C HIS B 34 25.34 -14.23 -4.72
N ILE B 35 26.07 -13.97 -5.83
CA ILE B 35 27.36 -14.59 -6.11
C ILE B 35 28.32 -13.62 -6.84
N GLU B 36 29.63 -13.83 -6.62
CA GLU B 36 30.69 -13.12 -7.33
C GLU B 36 31.54 -14.17 -8.04
N ILE B 37 31.57 -14.10 -9.38
CA ILE B 37 32.32 -15.00 -10.22
C ILE B 37 33.36 -14.19 -10.98
N GLN B 38 34.62 -14.59 -10.88
CA GLN B 38 35.71 -13.94 -11.65
C GLN B 38 36.56 -15.03 -12.30
N MET B 39 37.03 -14.75 -13.51
CA MET B 39 37.83 -15.69 -14.28
C MET B 39 39.28 -15.19 -14.27
N LEU B 40 40.23 -16.09 -14.06
CA LEU B 40 41.63 -15.70 -13.95
C LEU B 40 42.55 -16.36 -14.98
N LYS B 41 43.60 -15.63 -15.38
CA LYS B 41 44.69 -16.08 -16.25
C LYS B 41 45.98 -15.79 -15.51
N ASN B 42 46.73 -16.84 -15.15
CA ASN B 42 47.97 -16.79 -14.36
C ASN B 42 47.77 -15.97 -13.05
N GLY B 43 46.73 -16.34 -12.29
CA GLY B 43 46.39 -15.73 -11.02
C GLY B 43 45.80 -14.33 -11.06
N LYS B 44 45.86 -13.67 -12.24
CA LYS B 44 45.36 -12.31 -12.47
C LYS B 44 43.96 -12.35 -13.12
N LYS B 45 43.13 -11.35 -12.79
CA LYS B 45 41.75 -11.25 -13.28
C LYS B 45 41.68 -10.90 -14.77
N ILE B 46 40.81 -11.61 -15.52
CA ILE B 46 40.53 -11.36 -16.95
C ILE B 46 39.48 -10.21 -16.99
N PRO B 47 39.67 -9.14 -17.81
CA PRO B 47 38.68 -8.04 -17.80
C PRO B 47 37.38 -8.35 -18.57
N LYS B 48 37.48 -8.72 -19.87
CA LYS B 48 36.33 -8.98 -20.73
C LYS B 48 35.76 -10.40 -20.48
N VAL B 49 34.91 -10.50 -19.41
CA VAL B 49 34.22 -11.74 -19.01
C VAL B 49 32.70 -11.48 -19.09
N GLU B 50 31.98 -12.34 -19.85
CA GLU B 50 30.53 -12.26 -20.07
C GLU B 50 29.78 -13.25 -19.17
N MET B 51 28.57 -12.88 -18.72
CA MET B 51 27.70 -13.69 -17.85
C MET B 51 26.33 -13.80 -18.41
N SER B 52 25.76 -14.99 -18.36
CA SER B 52 24.38 -15.21 -18.76
C SER B 52 23.45 -14.62 -17.69
N ASP B 53 22.14 -14.55 -17.95
CA ASP B 53 21.23 -14.13 -16.86
C ASP B 53 21.07 -15.30 -15.87
N MET B 54 21.08 -14.98 -14.58
CA MET B 54 20.87 -15.91 -13.49
C MET B 54 19.55 -16.61 -13.70
N SER B 55 19.47 -17.91 -13.41
CA SER B 55 18.22 -18.63 -13.64
C SER B 55 18.14 -19.74 -12.61
N PHE B 56 17.12 -20.60 -12.68
CA PHE B 56 16.99 -21.75 -11.77
C PHE B 56 16.28 -22.91 -12.47
N SER B 57 16.63 -24.12 -12.06
CA SER B 57 16.08 -25.37 -12.59
C SER B 57 14.80 -25.74 -11.86
N LYS B 58 14.13 -26.81 -12.30
CA LYS B 58 12.87 -27.34 -11.78
C LYS B 58 12.92 -27.63 -10.27
N ASP B 59 14.14 -27.79 -9.72
CA ASP B 59 14.36 -28.05 -8.30
C ASP B 59 14.77 -26.78 -7.52
N TRP B 60 14.51 -25.57 -8.10
CA TRP B 60 14.69 -24.25 -7.49
C TRP B 60 16.13 -23.81 -7.23
N SER B 61 17.11 -24.66 -7.54
CA SER B 61 18.53 -24.40 -7.40
C SER B 61 18.99 -23.45 -8.52
N PHE B 62 19.78 -22.43 -8.18
CA PHE B 62 20.24 -21.44 -9.15
C PHE B 62 21.44 -21.88 -9.97
N TYR B 63 21.56 -21.26 -11.12
CA TYR B 63 22.68 -21.49 -12.02
C TYR B 63 22.93 -20.25 -12.87
N ILE B 64 24.18 -20.10 -13.29
CA ILE B 64 24.62 -19.00 -14.16
C ILE B 64 25.84 -19.49 -14.93
N LEU B 65 25.97 -19.01 -16.18
CA LEU B 65 27.08 -19.35 -17.06
C LEU B 65 27.97 -18.11 -17.33
N ALA B 66 29.23 -18.22 -16.95
CA ALA B 66 30.26 -17.22 -17.23
C ALA B 66 31.16 -17.75 -18.36
N HIS B 67 31.53 -16.90 -19.33
CA HIS B 67 32.40 -17.31 -20.43
C HIS B 67 33.31 -16.16 -20.85
N THR B 68 34.38 -16.46 -21.62
CA THR B 68 35.40 -15.50 -22.06
C THR B 68 36.27 -16.09 -23.16
N GLU B 69 36.80 -15.21 -24.03
CA GLU B 69 37.73 -15.64 -25.06
C GLU B 69 39.11 -15.92 -24.44
N PHE B 70 39.67 -17.08 -24.73
CA PHE B 70 40.99 -17.46 -24.26
C PHE B 70 41.76 -18.14 -25.36
N THR B 71 43.05 -18.38 -25.11
CA THR B 71 43.97 -19.09 -25.99
C THR B 71 44.72 -20.09 -25.13
N PRO B 72 44.35 -21.38 -25.18
CA PRO B 72 45.12 -22.38 -24.39
C PRO B 72 46.59 -22.44 -24.82
N THR B 73 47.51 -22.73 -23.88
CA THR B 73 48.95 -22.95 -24.12
C THR B 73 49.45 -24.04 -23.14
N GLU B 74 50.68 -24.50 -23.30
CA GLU B 74 51.21 -25.57 -22.42
C GLU B 74 51.46 -25.06 -20.97
N THR B 75 51.60 -23.73 -20.81
CA THR B 75 52.02 -23.00 -19.61
C THR B 75 50.97 -22.04 -18.99
N ASP B 76 50.05 -21.43 -19.79
CA ASP B 76 49.07 -20.49 -19.24
C ASP B 76 48.04 -21.21 -18.40
N THR B 77 47.91 -20.74 -17.15
CA THR B 77 46.97 -21.31 -16.21
C THR B 77 45.68 -20.47 -16.21
N TYR B 78 44.54 -21.16 -16.31
CA TYR B 78 43.19 -20.56 -16.30
C TYR B 78 42.37 -21.12 -15.14
N ALA B 79 41.59 -20.24 -14.50
CA ALA B 79 40.74 -20.60 -13.37
C ALA B 79 39.46 -19.77 -13.29
N CYS B 80 38.53 -20.24 -12.46
CA CYS B 80 37.27 -19.63 -12.10
C CYS B 80 37.24 -19.50 -10.59
N ARG B 81 37.21 -18.27 -10.08
CA ARG B 81 37.13 -17.94 -8.66
C ARG B 81 35.69 -17.50 -8.34
N VAL B 82 35.09 -18.17 -7.35
CA VAL B 82 33.72 -17.94 -6.93
C VAL B 82 33.68 -17.54 -5.45
N LYS B 83 33.02 -16.43 -5.18
CA LYS B 83 32.86 -15.90 -3.84
C LYS B 83 31.37 -15.96 -3.53
N HIS B 84 31.00 -16.84 -2.60
CA HIS B 84 29.60 -17.02 -2.19
C HIS B 84 29.49 -17.02 -0.65
N ALA B 85 28.33 -16.63 -0.12
CA ALA B 85 28.03 -16.55 1.31
C ALA B 85 28.18 -17.93 2.02
N SER B 86 27.95 -19.03 1.29
CA SER B 86 28.07 -20.41 1.80
C SER B 86 29.52 -20.85 2.09
N MET B 87 30.52 -20.08 1.64
CA MET B 87 31.94 -20.42 1.82
C MET B 87 32.68 -19.34 2.60
N ALA B 88 33.56 -19.78 3.51
CA ALA B 88 34.39 -18.90 4.36
C ALA B 88 35.44 -18.16 3.54
N GLU B 89 35.93 -18.80 2.46
CA GLU B 89 36.92 -18.27 1.53
C GLU B 89 36.46 -18.52 0.07
N PRO B 90 36.89 -17.68 -0.92
CA PRO B 90 36.48 -17.95 -2.32
C PRO B 90 37.02 -19.29 -2.82
N LYS B 91 36.23 -19.99 -3.66
CA LYS B 91 36.64 -21.26 -4.23
C LYS B 91 37.23 -21.01 -5.63
N THR B 92 38.51 -21.39 -5.83
CA THR B 92 39.18 -21.24 -7.12
C THR B 92 39.29 -22.62 -7.76
N VAL B 93 38.71 -22.74 -8.97
CA VAL B 93 38.70 -23.99 -9.71
C VAL B 93 39.45 -23.76 -11.02
N TYR B 94 40.53 -24.53 -11.20
CA TYR B 94 41.39 -24.47 -12.36
C TYR B 94 40.85 -25.25 -13.52
N TRP B 95 41.03 -24.72 -14.74
CA TRP B 95 40.65 -25.45 -15.94
C TRP B 95 41.67 -26.58 -16.19
N ASP B 96 41.17 -27.82 -16.14
CA ASP B 96 41.92 -29.04 -16.40
C ASP B 96 41.33 -29.59 -17.68
N ARG B 97 42.04 -29.42 -18.80
CA ARG B 97 41.60 -29.80 -20.14
C ARG B 97 41.31 -31.29 -20.32
N ASP B 98 42.05 -32.17 -19.60
CA ASP B 98 41.95 -33.65 -19.65
C ASP B 98 40.73 -34.20 -18.86
N MET B 99 40.31 -33.50 -17.78
CA MET B 99 39.15 -33.84 -16.94
C MET B 99 37.85 -33.65 -17.71
N THR C 1 -0.18 15.08 -3.11
CA THR C 1 -1.60 14.78 -2.91
C THR C 1 -2.13 13.98 -4.13
N GLN C 2 -2.48 12.70 -3.90
CA GLN C 2 -2.91 11.77 -4.93
C GLN C 2 -4.46 11.59 -5.06
N VAL C 3 -5.24 12.27 -4.21
CA VAL C 3 -6.71 12.22 -4.26
C VAL C 3 -7.21 13.66 -4.09
N GLU C 4 -7.74 14.25 -5.17
CA GLU C 4 -8.26 15.63 -5.20
C GLU C 4 -9.77 15.63 -5.35
N GLN C 5 -10.45 16.30 -4.43
CA GLN C 5 -11.89 16.41 -4.44
C GLN C 5 -12.34 17.81 -4.80
N SER C 6 -13.38 17.88 -5.64
CA SER C 6 -14.00 19.10 -6.15
C SER C 6 -15.48 19.16 -5.87
N PRO C 7 -16.05 20.34 -5.58
CA PRO C 7 -15.37 21.59 -5.20
C PRO C 7 -14.90 21.48 -3.72
N GLN C 8 -14.23 22.49 -3.19
CA GLN C 8 -13.86 22.41 -1.78
C GLN C 8 -15.09 22.60 -0.91
N SER C 9 -15.97 23.50 -1.32
CA SER C 9 -17.21 23.81 -0.58
C SER C 9 -18.36 23.86 -1.56
N LEU C 10 -19.56 23.52 -1.10
CA LEU C 10 -20.75 23.54 -1.94
C LEU C 10 -22.02 23.83 -1.12
N VAL C 11 -22.69 24.93 -1.44
CA VAL C 11 -23.97 25.29 -0.81
C VAL C 11 -25.10 24.88 -1.77
N VAL C 12 -26.09 24.12 -1.25
CA VAL C 12 -27.28 23.72 -2.00
C VAL C 12 -28.55 24.10 -1.25
N ARG C 13 -29.59 24.44 -2.01
CA ARG C 13 -30.91 24.71 -1.45
C ARG C 13 -31.57 23.37 -1.18
N GLN C 14 -32.32 23.26 -0.10
CA GLN C 14 -33.04 22.06 0.32
C GLN C 14 -33.92 21.51 -0.83
N GLY C 15 -33.85 20.21 -1.09
CA GLY C 15 -34.63 19.54 -2.13
C GLY C 15 -34.00 19.47 -3.50
N GLU C 16 -32.92 20.25 -3.69
CA GLU C 16 -32.10 20.36 -4.89
C GLU C 16 -31.05 19.21 -4.91
N ASN C 17 -30.46 18.94 -6.08
CA ASN C 17 -29.47 17.88 -6.27
C ASN C 17 -28.04 18.39 -6.08
N SER C 18 -27.12 17.50 -5.69
CA SER C 18 -25.71 17.83 -5.47
C SER C 18 -24.79 16.92 -6.24
N VAL C 19 -23.69 17.50 -6.78
CA VAL C 19 -22.68 16.78 -7.56
C VAL C 19 -21.31 17.07 -6.96
N LEU C 20 -20.64 16.02 -6.46
CA LEU C 20 -19.32 16.03 -5.82
C LEU C 20 -18.40 15.22 -6.69
N GLN C 21 -17.21 15.74 -6.98
CA GLN C 21 -16.25 15.05 -7.84
C GLN C 21 -14.99 14.63 -7.10
N CYS C 22 -14.39 13.54 -7.57
CA CYS C 22 -13.15 13.05 -7.06
C CYS C 22 -12.26 12.64 -8.25
N ASN C 23 -11.05 13.20 -8.31
CA ASN C 23 -10.02 12.83 -9.29
C ASN C 23 -8.87 12.29 -8.46
N TYR C 24 -8.21 11.23 -8.91
CA TYR C 24 -7.09 10.64 -8.17
C TYR C 24 -6.00 10.15 -9.13
N SER C 25 -4.77 9.86 -8.63
CA SER C 25 -3.69 9.33 -9.47
C SER C 25 -3.07 8.05 -8.91
N VAL C 26 -3.65 7.52 -7.81
CA VAL C 26 -3.29 6.31 -7.05
C VAL C 26 -3.14 5.11 -8.00
N THR C 27 -2.06 4.34 -7.83
CA THR C 27 -1.78 3.16 -8.66
C THR C 27 -1.25 1.99 -7.82
N PRO C 28 -1.81 0.78 -7.94
CA PRO C 28 -3.06 0.42 -8.64
C PRO C 28 -4.27 0.91 -7.81
N ASP C 29 -5.43 1.04 -8.45
CA ASP C 29 -6.68 1.54 -7.84
C ASP C 29 -7.72 0.43 -7.77
N ASN C 30 -7.67 -0.37 -6.72
CA ASN C 30 -8.61 -1.48 -6.60
C ASN C 30 -10.07 -1.02 -6.44
N HIS C 31 -10.34 -0.07 -5.55
CA HIS C 31 -11.69 0.42 -5.31
C HIS C 31 -11.69 1.87 -4.85
N LEU C 32 -12.85 2.49 -4.94
CA LEU C 32 -13.10 3.86 -4.51
C LEU C 32 -14.34 3.85 -3.62
N ARG C 33 -14.21 4.43 -2.44
CA ARG C 33 -15.29 4.52 -1.49
C ARG C 33 -15.61 5.97 -1.17
N TRP C 34 -16.90 6.26 -0.94
CA TRP C 34 -17.37 7.54 -0.49
C TRP C 34 -17.81 7.45 0.98
N PHE C 35 -17.36 8.39 1.79
CA PHE C 35 -17.75 8.53 3.18
C PHE C 35 -18.47 9.83 3.46
N LYS C 36 -19.33 9.82 4.48
CA LYS C 36 -19.97 10.99 5.06
C LYS C 36 -19.41 11.14 6.48
N GLN C 37 -18.98 12.34 6.78
CA GLN C 37 -18.46 12.73 8.08
C GLN C 37 -19.29 13.89 8.60
N ASP C 38 -20.29 13.57 9.44
CA ASP C 38 -21.11 14.59 10.12
C ASP C 38 -20.15 15.33 11.05
N THR C 39 -20.28 16.65 11.16
CA THR C 39 -19.36 17.50 11.94
C THR C 39 -19.18 17.00 13.39
N GLY C 40 -17.91 16.78 13.76
CA GLY C 40 -17.52 16.25 15.06
C GLY C 40 -17.73 14.74 15.20
N LYS C 41 -18.18 14.07 14.12
CA LYS C 41 -18.42 12.63 14.16
C LYS C 41 -17.36 11.90 13.32
N GLY C 42 -17.53 10.60 13.15
CA GLY C 42 -16.63 9.76 12.38
C GLY C 42 -17.08 9.49 10.96
N LEU C 43 -16.32 8.67 10.25
CA LEU C 43 -16.66 8.34 8.87
C LEU C 43 -17.68 7.19 8.79
N VAL C 44 -18.75 7.43 8.02
CA VAL C 44 -19.83 6.47 7.71
C VAL C 44 -19.77 6.20 6.18
N SER C 45 -19.65 4.93 5.77
CA SER C 45 -19.54 4.53 4.37
C SER C 45 -20.87 4.63 3.67
N LEU C 46 -20.91 5.40 2.56
CA LEU C 46 -22.09 5.58 1.73
C LEU C 46 -22.13 4.53 0.65
N THR C 47 -20.98 4.30 -0.01
CA THR C 47 -20.88 3.35 -1.11
C THR C 47 -19.43 3.06 -1.50
N VAL C 48 -19.22 1.93 -2.23
CA VAL C 48 -17.95 1.40 -2.75
C VAL C 48 -18.11 1.03 -4.24
N LEU C 49 -17.13 1.40 -5.06
CA LEU C 49 -17.13 1.10 -6.49
C LEU C 49 -15.89 0.32 -6.78
N VAL C 50 -16.00 -0.80 -7.51
CA VAL C 50 -14.85 -1.69 -7.67
C VAL C 50 -14.52 -1.98 -9.15
N ASP C 51 -15.50 -1.88 -10.06
CA ASP C 51 -15.30 -2.22 -11.46
C ASP C 51 -14.68 -1.06 -12.22
N GLN C 52 -14.06 -1.36 -13.39
CA GLN C 52 -13.39 -0.43 -14.31
C GLN C 52 -14.27 0.78 -14.64
N LYS C 53 -15.53 0.51 -14.97
CA LYS C 53 -16.61 1.48 -15.22
C LYS C 53 -17.74 0.95 -14.35
N ASP C 54 -17.95 1.58 -13.19
CA ASP C 54 -18.94 1.13 -12.23
C ASP C 54 -19.94 2.23 -11.91
N LYS C 55 -21.09 1.82 -11.40
CA LYS C 55 -22.24 2.65 -11.03
C LYS C 55 -22.83 2.01 -9.81
N THR C 56 -23.23 2.81 -8.84
CA THR C 56 -23.80 2.28 -7.60
C THR C 56 -24.86 3.25 -7.04
N SER C 57 -25.84 2.71 -6.28
CA SER C 57 -26.90 3.48 -5.61
C SER C 57 -27.10 3.01 -4.15
N ASN C 58 -27.73 3.86 -3.35
CA ASN C 58 -28.04 3.64 -1.93
C ASN C 58 -28.98 4.77 -1.54
N GLY C 59 -30.25 4.55 -1.85
CA GLY C 59 -31.29 5.54 -1.62
C GLY C 59 -31.04 6.77 -2.45
N ARG C 60 -30.97 7.93 -1.81
CA ARG C 60 -30.74 9.24 -2.44
C ARG C 60 -29.28 9.44 -2.92
N TYR C 61 -28.37 8.53 -2.56
CA TYR C 61 -26.97 8.59 -2.97
C TYR C 61 -26.78 7.71 -4.16
N SER C 62 -26.00 8.19 -5.13
CA SER C 62 -25.64 7.43 -6.32
C SER C 62 -24.21 7.84 -6.72
N ALA C 63 -23.41 6.93 -7.27
CA ALA C 63 -22.02 7.24 -7.58
C ALA C 63 -21.55 6.51 -8.81
N THR C 64 -20.58 7.10 -9.52
CA THR C 64 -19.99 6.50 -10.72
C THR C 64 -18.49 6.45 -10.53
N LEU C 65 -17.82 5.50 -11.20
CA LEU C 65 -16.37 5.37 -11.20
C LEU C 65 -15.92 5.05 -12.61
N ASP C 66 -14.90 5.77 -13.11
CA ASP C 66 -14.22 5.51 -14.37
C ASP C 66 -12.73 5.35 -14.02
N LYS C 67 -12.21 4.13 -14.12
CA LYS C 67 -10.83 3.87 -13.75
C LYS C 67 -9.84 4.37 -14.82
N ASP C 68 -10.29 4.56 -16.09
CA ASP C 68 -9.41 5.07 -17.14
C ASP C 68 -9.19 6.61 -16.98
N ALA C 69 -10.26 7.33 -16.61
CA ALA C 69 -10.17 8.76 -16.38
C ALA C 69 -9.73 9.06 -14.94
N LYS C 70 -9.74 8.02 -14.08
CA LYS C 70 -9.44 8.04 -12.64
C LYS C 70 -10.33 9.10 -12.01
N HIS C 71 -11.64 8.86 -12.14
CA HIS C 71 -12.61 9.83 -11.70
C HIS C 71 -13.90 9.19 -11.13
N SER C 72 -14.37 9.74 -10.03
CA SER C 72 -15.62 9.34 -9.42
C SER C 72 -16.51 10.54 -9.19
N THR C 73 -17.81 10.33 -9.37
CA THR C 73 -18.81 11.37 -9.11
C THR C 73 -19.80 10.86 -8.07
N LEU C 74 -20.12 11.67 -7.05
CA LEU C 74 -21.17 11.33 -6.11
C LEU C 74 -22.36 12.28 -6.33
N HIS C 75 -23.55 11.70 -6.45
CA HIS C 75 -24.81 12.40 -6.61
C HIS C 75 -25.70 12.22 -5.39
N ILE C 76 -26.24 13.32 -4.89
CA ILE C 76 -27.23 13.31 -3.82
C ILE C 76 -28.49 13.95 -4.42
N THR C 77 -29.58 13.18 -4.55
CA THR C 77 -30.80 13.74 -5.11
C THR C 77 -31.75 14.14 -3.95
N ALA C 78 -32.52 15.22 -4.15
CA ALA C 78 -33.44 15.81 -3.16
C ALA C 78 -32.73 15.91 -1.78
N THR C 79 -31.72 16.77 -1.73
CA THR C 79 -30.93 16.96 -0.53
C THR C 79 -31.78 17.49 0.64
N LEU C 80 -31.71 16.75 1.75
CA LEU C 80 -32.32 17.03 3.04
C LEU C 80 -31.34 17.85 3.85
N LEU C 81 -31.76 18.43 4.98
CA LEU C 81 -30.88 19.25 5.82
C LEU C 81 -29.81 18.42 6.56
N ASP C 82 -30.12 17.15 6.83
CA ASP C 82 -29.25 16.21 7.51
C ASP C 82 -28.03 15.79 6.62
N ASP C 83 -28.07 16.12 5.31
CA ASP C 83 -26.98 15.92 4.34
C ASP C 83 -25.84 16.95 4.52
N THR C 84 -26.02 18.00 5.37
CA THR C 84 -24.92 18.94 5.70
C THR C 84 -23.82 18.14 6.44
N ALA C 85 -22.62 18.03 5.82
CA ALA C 85 -21.45 17.27 6.32
C ALA C 85 -20.28 17.40 5.36
N THR C 86 -19.18 16.70 5.66
CA THR C 86 -18.01 16.59 4.79
C THR C 86 -18.12 15.22 4.15
N TYR C 87 -17.96 15.17 2.82
CA TYR C 87 -18.00 13.97 2.00
C TYR C 87 -16.59 13.68 1.54
N ILE C 88 -16.10 12.47 1.84
CA ILE C 88 -14.70 12.12 1.61
C ILE C 88 -14.59 10.96 0.67
N CYS C 89 -13.75 11.14 -0.32
CA CYS C 89 -13.43 10.16 -1.36
C CYS C 89 -12.17 9.43 -0.91
N VAL C 90 -12.23 8.08 -0.83
CA VAL C 90 -11.09 7.23 -0.44
C VAL C 90 -10.77 6.23 -1.55
N VAL C 91 -9.51 6.13 -1.93
CA VAL C 91 -9.10 5.15 -2.94
C VAL C 91 -8.27 4.04 -2.28
N GLY C 92 -8.68 2.79 -2.46
CA GLY C 92 -7.96 1.61 -1.98
C GLY C 92 -7.01 1.08 -3.04
N ASP C 93 -5.76 0.85 -2.67
CA ASP C 93 -4.77 0.40 -3.66
C ASP C 93 -4.61 -1.17 -3.77
N ARG C 94 -5.36 -1.96 -2.99
CA ARG C 94 -5.42 -3.43 -3.02
C ARG C 94 -6.82 -3.92 -2.62
N GLY C 95 -7.18 -5.10 -3.10
CA GLY C 95 -8.44 -5.75 -2.78
C GLY C 95 -8.39 -6.55 -1.48
N SER C 96 -7.45 -6.18 -0.57
CA SER C 96 -7.30 -6.83 0.74
C SER C 96 -6.65 -5.87 1.78
N ALA C 97 -6.36 -6.40 3.00
CA ALA C 97 -5.75 -5.66 4.11
C ALA C 97 -4.26 -5.31 3.82
N LEU C 98 -3.67 -5.80 2.70
CA LEU C 98 -2.30 -5.46 2.27
C LEU C 98 -2.24 -4.03 1.69
N GLY C 99 -3.42 -3.48 1.40
CA GLY C 99 -3.59 -2.16 0.83
C GLY C 99 -3.50 -1.00 1.78
N ARG C 100 -3.33 0.16 1.17
CA ARG C 100 -3.32 1.42 1.86
C ARG C 100 -4.47 2.23 1.32
N LEU C 101 -5.07 3.02 2.19
CA LEU C 101 -6.15 3.91 1.84
C LEU C 101 -5.57 5.31 1.57
N HIS C 102 -6.03 5.95 0.51
CA HIS C 102 -5.59 7.27 0.08
C HIS C 102 -6.82 8.11 0.15
N PHE C 103 -6.79 9.07 1.07
CA PHE C 103 -7.93 9.92 1.39
C PHE C 103 -7.90 11.31 0.76
N GLY C 104 -9.04 11.72 0.24
CA GLY C 104 -9.27 13.07 -0.25
C GLY C 104 -9.48 13.97 0.97
N ALA C 105 -9.24 15.29 0.83
CA ALA C 105 -9.39 16.27 1.91
C ALA C 105 -10.89 16.55 2.22
N GLY C 106 -11.77 16.17 1.30
CA GLY C 106 -13.21 16.30 1.47
C GLY C 106 -13.82 17.50 0.78
N THR C 107 -15.15 17.44 0.64
CA THR C 107 -16.01 18.46 0.13
C THR C 107 -17.02 18.75 1.23
N GLN C 108 -17.01 19.99 1.70
CA GLN C 108 -17.91 20.47 2.71
C GLN C 108 -19.22 20.86 2.01
N LEU C 109 -20.31 20.14 2.35
CA LEU C 109 -21.63 20.38 1.78
C LEU C 109 -22.50 21.08 2.81
N ILE C 110 -23.07 22.26 2.43
CA ILE C 110 -23.99 23.05 3.26
C ILE C 110 -25.37 23.05 2.62
N VAL C 111 -26.35 22.42 3.27
CA VAL C 111 -27.75 22.36 2.81
C VAL C 111 -28.53 23.51 3.50
N ILE C 112 -29.06 24.45 2.71
CA ILE C 112 -29.75 25.61 3.29
C ILE C 112 -31.28 25.57 3.03
N PRO C 113 -32.13 25.78 4.08
CA PRO C 113 -33.61 25.79 3.86
C PRO C 113 -34.11 27.08 3.19
N ASP C 114 -35.26 27.02 2.49
CA ASP C 114 -35.79 28.18 1.74
C ASP C 114 -36.16 29.43 2.57
N ILE C 115 -37.06 29.32 3.57
CA ILE C 115 -37.56 30.50 4.35
C ILE C 115 -38.57 31.19 3.43
N GLN C 116 -39.79 30.66 3.47
CA GLN C 116 -40.91 31.07 2.64
C GLN C 116 -41.21 32.58 2.76
N ASN C 117 -40.98 33.22 3.95
CA ASN C 117 -41.32 34.65 4.08
C ASN C 117 -40.35 35.41 4.98
N PRO C 118 -39.24 35.98 4.44
CA PRO C 118 -38.28 36.70 5.32
C PRO C 118 -38.91 37.91 5.95
N ASP C 119 -38.63 38.13 7.22
CA ASP C 119 -39.13 39.27 8.00
C ASP C 119 -37.92 39.83 8.77
N PRO C 120 -36.87 40.31 8.02
CA PRO C 120 -35.60 40.64 8.68
C PRO C 120 -35.78 41.74 9.71
N ALA C 121 -35.11 41.58 10.87
CA ALA C 121 -35.20 42.53 11.97
C ALA C 121 -34.00 42.41 12.84
N VAL C 122 -33.57 43.53 13.44
CA VAL C 122 -32.47 43.56 14.41
C VAL C 122 -33.07 44.00 15.74
N TYR C 123 -33.02 43.10 16.72
CA TYR C 123 -33.53 43.32 18.09
C TYR C 123 -32.42 43.41 19.10
N GLN C 124 -32.64 44.22 20.14
CA GLN C 124 -31.74 44.35 21.28
C GLN C 124 -32.32 43.55 22.42
N LEU C 125 -31.53 42.61 22.97
CA LEU C 125 -31.93 41.75 24.09
C LEU C 125 -31.13 42.15 25.30
N ARG C 126 -31.81 42.44 26.43
CA ARG C 126 -31.13 42.82 27.68
C ARG C 126 -30.95 41.58 28.55
N ASP C 127 -29.92 41.61 29.38
CA ASP C 127 -29.59 40.52 30.29
C ASP C 127 -30.67 40.36 31.37
N SER C 128 -30.91 39.12 31.84
CA SER C 128 -31.86 38.87 32.92
C SER C 128 -31.29 39.43 34.26
N LYS C 129 -29.95 39.42 34.43
CA LYS C 129 -29.26 40.00 35.59
C LYS C 129 -29.22 41.54 35.46
N SER C 130 -29.22 42.27 36.60
CA SER C 130 -29.22 43.76 36.65
C SER C 130 -27.83 44.34 36.28
N SER C 131 -27.30 43.96 35.09
CA SER C 131 -25.96 44.30 34.62
C SER C 131 -25.82 45.47 33.60
N ASP C 132 -26.90 45.85 32.89
CA ASP C 132 -26.91 46.86 31.82
C ASP C 132 -26.14 46.36 30.55
N LYS C 133 -25.92 45.04 30.44
CA LYS C 133 -25.34 44.34 29.30
C LYS C 133 -26.43 44.02 28.29
N SER C 134 -26.08 43.95 27.00
CA SER C 134 -27.06 43.58 25.97
C SER C 134 -26.41 42.90 24.75
N VAL C 135 -27.26 42.21 23.96
CA VAL C 135 -26.89 41.59 22.69
C VAL C 135 -27.85 42.08 21.59
N CYS C 136 -27.40 42.00 20.32
CA CYS C 136 -28.17 42.34 19.12
C CYS C 136 -28.43 41.04 18.40
N LEU C 137 -29.68 40.82 18.05
CA LEU C 137 -30.10 39.63 17.35
C LEU C 137 -30.65 40.00 15.98
N PHE C 138 -29.92 39.62 14.93
CA PHE C 138 -30.36 39.77 13.55
C PHE C 138 -31.10 38.51 13.23
N THR C 139 -32.40 38.60 12.93
CA THR C 139 -33.14 37.35 12.72
C THR C 139 -34.12 37.47 11.55
N ASP C 140 -34.58 36.29 11.10
CA ASP C 140 -35.67 36.11 10.13
C ASP C 140 -35.35 36.63 8.72
N PHE C 141 -34.07 36.71 8.38
CA PHE C 141 -33.63 37.09 7.04
C PHE C 141 -33.56 35.84 6.13
N ASP C 142 -33.58 36.06 4.80
CA ASP C 142 -33.54 35.02 3.76
C ASP C 142 -32.23 34.22 3.89
N SER C 143 -32.27 32.91 3.54
CA SER C 143 -31.14 31.99 3.65
C SER C 143 -29.94 32.37 2.75
N GLN C 144 -30.18 33.16 1.68
CA GLN C 144 -29.14 33.62 0.75
C GLN C 144 -28.17 34.58 1.45
N THR C 145 -28.68 35.50 2.33
CA THR C 145 -27.96 36.53 3.12
C THR C 145 -26.82 35.94 3.93
N ASN C 146 -25.61 36.53 3.75
CA ASN C 146 -24.38 36.13 4.43
C ASN C 146 -24.04 37.16 5.52
N VAL C 147 -23.73 36.67 6.73
CA VAL C 147 -23.37 37.53 7.85
C VAL C 147 -21.84 37.67 7.95
N SER C 148 -21.37 38.88 7.64
CA SER C 148 -19.96 39.25 7.69
C SER C 148 -19.52 39.42 9.13
N GLN C 149 -18.25 39.08 9.39
CA GLN C 149 -17.62 39.20 10.69
C GLN C 149 -17.37 40.65 11.05
N SER C 150 -16.95 40.85 12.29
CA SER C 150 -16.64 42.13 12.88
C SER C 150 -15.35 42.73 12.29
N LYS C 151 -15.44 43.97 11.80
CA LYS C 151 -14.33 44.76 11.28
C LYS C 151 -13.81 45.69 12.41
N ASP C 152 -14.19 45.38 13.67
CA ASP C 152 -13.85 46.14 14.89
C ASP C 152 -13.47 45.19 16.03
N SER C 153 -12.26 45.41 16.57
CA SER C 153 -11.61 44.70 17.69
C SER C 153 -12.54 44.41 18.91
N ASP C 154 -13.41 45.38 19.29
CA ASP C 154 -14.29 45.26 20.47
C ASP C 154 -15.74 44.75 20.19
N VAL C 155 -16.07 44.43 18.92
CA VAL C 155 -17.40 43.97 18.50
C VAL C 155 -17.28 42.49 18.11
N TYR C 156 -18.22 41.65 18.57
CA TYR C 156 -18.21 40.22 18.25
C TYR C 156 -19.46 39.88 17.47
N ILE C 157 -19.33 39.19 16.35
CA ILE C 157 -20.42 38.80 15.46
C ILE C 157 -20.30 37.28 15.15
N THR C 158 -21.36 36.51 15.45
CA THR C 158 -21.39 35.07 15.20
C THR C 158 -21.90 34.81 13.80
N ASP C 159 -21.68 33.61 13.27
CA ASP C 159 -22.25 33.34 11.96
C ASP C 159 -23.75 32.97 12.10
N LYS C 160 -24.46 32.81 10.98
CA LYS C 160 -25.88 32.51 10.96
C LYS C 160 -26.19 31.02 11.20
N CYS C 161 -27.12 30.71 12.11
CA CYS C 161 -27.63 29.37 12.30
C CYS C 161 -29.14 29.40 12.17
N VAL C 162 -29.69 28.31 11.57
CA VAL C 162 -31.12 28.10 11.36
C VAL C 162 -31.65 27.14 12.41
N LEU C 163 -32.69 27.61 13.17
CA LEU C 163 -33.36 26.84 14.20
C LEU C 163 -34.72 26.35 13.71
N ASP C 164 -35.15 25.15 14.14
CA ASP C 164 -36.44 24.61 13.73
C ASP C 164 -37.38 24.57 14.91
N MET C 165 -38.48 25.32 14.75
CA MET C 165 -39.62 25.37 15.68
C MET C 165 -40.63 24.34 15.15
N ARG C 166 -40.16 23.08 14.93
CA ARG C 166 -40.85 21.92 14.33
C ARG C 166 -42.37 21.87 14.57
N SER C 167 -42.85 22.22 15.78
CA SER C 167 -44.29 22.28 16.18
C SER C 167 -45.13 23.21 15.29
N MET C 168 -44.51 24.30 14.76
CA MET C 168 -45.12 25.26 13.86
C MET C 168 -44.60 25.12 12.43
N ASP C 169 -43.82 24.05 12.16
CA ASP C 169 -43.16 23.79 10.86
C ASP C 169 -42.60 25.16 10.33
N PHE C 170 -41.76 25.77 11.19
CA PHE C 170 -41.17 27.09 10.95
C PHE C 170 -39.67 27.06 11.25
N LYS C 171 -38.87 27.45 10.26
CA LYS C 171 -37.42 27.60 10.33
C LYS C 171 -37.03 29.10 10.25
N SER C 172 -36.00 29.52 11.00
CA SER C 172 -35.54 30.90 10.96
C SER C 172 -34.05 31.02 11.15
N ASN C 173 -33.43 31.95 10.42
CA ASN C 173 -32.01 32.29 10.50
C ASN C 173 -31.79 33.35 11.58
N SER C 174 -30.62 33.29 12.26
CA SER C 174 -30.25 34.26 13.31
C SER C 174 -28.75 34.36 13.46
N ALA C 175 -28.29 35.54 13.84
CA ALA C 175 -26.88 35.85 14.09
C ALA C 175 -26.88 36.79 15.24
N VAL C 176 -25.96 36.63 16.18
CA VAL C 176 -25.87 37.48 17.36
C VAL C 176 -24.63 38.42 17.27
N ALA C 177 -24.74 39.67 17.76
CA ALA C 177 -23.62 40.64 17.86
C ALA C 177 -23.62 41.30 19.22
N TRP C 178 -22.42 41.50 19.76
CA TRP C 178 -22.27 42.17 21.04
C TRP C 178 -20.93 42.89 21.08
N SER C 179 -20.80 43.78 22.05
CA SER C 179 -19.63 44.62 22.26
C SER C 179 -19.47 44.88 23.71
N ASN C 180 -18.23 45.15 24.13
CA ASN C 180 -17.90 45.53 25.50
C ASN C 180 -18.07 47.02 25.62
N LYS C 181 -17.96 47.74 24.47
CA LYS C 181 -18.09 49.18 24.25
C LYS C 181 -19.36 49.80 24.84
N SER C 182 -19.31 51.14 25.00
CA SER C 182 -20.36 52.00 25.54
C SER C 182 -21.36 52.42 24.43
N ASP C 183 -20.85 53.01 23.31
CA ASP C 183 -21.64 53.51 22.18
C ASP C 183 -22.00 52.41 21.14
N PHE C 184 -22.45 51.22 21.63
CA PHE C 184 -22.82 50.15 20.71
C PHE C 184 -24.33 50.15 20.43
N ALA C 185 -24.68 50.58 19.23
CA ALA C 185 -26.07 50.63 18.79
C ALA C 185 -26.36 49.43 17.92
N CYS C 186 -27.45 48.73 18.22
CA CYS C 186 -27.91 47.54 17.49
C CYS C 186 -28.26 47.89 16.03
N ALA C 187 -28.86 49.08 15.78
CA ALA C 187 -29.25 49.45 14.41
C ALA C 187 -28.06 49.42 13.41
N ASN C 188 -26.80 49.49 13.88
CA ASN C 188 -25.66 49.46 12.94
C ASN C 188 -24.66 48.30 13.21
N ALA C 189 -25.04 47.36 14.07
CA ALA C 189 -24.18 46.23 14.47
C ALA C 189 -23.79 45.31 13.31
N PHE C 190 -24.70 45.14 12.34
CA PHE C 190 -24.54 44.21 11.23
C PHE C 190 -24.35 44.91 9.88
N ASN C 191 -23.86 46.15 9.88
CA ASN C 191 -23.73 46.90 8.62
C ASN C 191 -22.64 46.38 7.63
N ASN C 192 -21.68 45.54 8.09
CA ASN C 192 -20.66 44.93 7.21
C ASN C 192 -21.29 43.86 6.31
N SER C 193 -22.54 43.43 6.66
CA SER C 193 -23.33 42.42 5.94
C SER C 193 -24.26 43.11 4.96
N ILE C 194 -24.88 42.35 4.08
CA ILE C 194 -25.84 42.93 3.14
C ILE C 194 -27.19 42.88 3.84
N ILE C 195 -27.61 44.03 4.37
CA ILE C 195 -28.85 44.22 5.12
C ILE C 195 -30.03 44.50 4.17
N PRO C 196 -31.09 43.68 4.21
CA PRO C 196 -32.27 43.95 3.37
C PRO C 196 -32.91 45.29 3.65
N GLU C 197 -33.47 45.93 2.61
CA GLU C 197 -34.13 47.24 2.69
C GLU C 197 -35.32 47.28 3.65
N ASP C 198 -35.98 46.13 3.79
CA ASP C 198 -37.21 45.97 4.58
C ASP C 198 -36.92 45.64 6.06
N THR C 199 -35.62 45.56 6.48
CA THR C 199 -35.20 45.21 7.83
C THR C 199 -35.81 46.18 8.86
N PHE C 200 -36.48 45.59 9.87
CA PHE C 200 -37.09 46.29 10.98
C PHE C 200 -36.01 46.55 12.05
N PHE C 201 -35.78 47.82 12.39
CA PHE C 201 -34.81 48.25 13.41
C PHE C 201 -35.59 48.95 14.56
N PRO C 202 -36.27 48.23 15.50
CA PRO C 202 -37.04 48.93 16.55
C PRO C 202 -36.17 49.89 17.32
N SER C 203 -36.75 51.04 17.71
CA SER C 203 -36.01 52.04 18.46
C SER C 203 -35.98 51.67 19.95
N PRO C 204 -34.80 51.84 20.63
CA PRO C 204 -34.75 51.53 22.08
C PRO C 204 -35.29 52.69 22.92
N GLU D 2 -23.22 -5.91 12.92
CA GLU D 2 -22.51 -4.73 12.40
C GLU D 2 -21.16 -4.51 13.11
N ALA D 3 -20.10 -4.20 12.34
CA ALA D 3 -18.75 -3.95 12.87
C ALA D 3 -18.62 -2.53 13.44
N ALA D 4 -18.12 -2.42 14.70
CA ALA D 4 -17.95 -1.14 15.42
C ALA D 4 -16.61 -1.03 16.18
N VAL D 5 -16.14 0.21 16.41
CA VAL D 5 -14.88 0.57 17.10
C VAL D 5 -15.16 1.71 18.10
N THR D 6 -14.64 1.63 19.35
CA THR D 6 -14.81 2.71 20.34
C THR D 6 -13.46 3.36 20.69
N GLN D 7 -13.46 4.66 20.95
CA GLN D 7 -12.24 5.39 21.30
C GLN D 7 -12.41 6.16 22.61
N SER D 8 -11.33 6.31 23.39
CA SER D 8 -11.33 7.04 24.65
C SER D 8 -10.01 7.77 24.88
N PRO D 9 -10.02 9.02 25.39
CA PRO D 9 -11.22 9.82 25.71
C PRO D 9 -11.73 10.50 24.43
N ARG D 10 -12.98 10.97 24.42
CA ARG D 10 -13.57 11.68 23.28
C ARG D 10 -12.87 13.05 23.07
N ASN D 11 -12.31 13.62 24.14
CA ASN D 11 -11.61 14.91 24.14
C ASN D 11 -10.50 14.89 25.16
N LYS D 12 -9.36 15.48 24.82
CA LYS D 12 -8.22 15.52 25.73
C LYS D 12 -7.45 16.83 25.55
N VAL D 13 -6.95 17.34 26.67
CA VAL D 13 -6.17 18.56 26.81
C VAL D 13 -4.87 18.15 27.50
N ALA D 14 -3.73 18.54 26.93
CA ALA D 14 -2.41 18.23 27.43
C ALA D 14 -1.48 19.43 27.32
N VAL D 15 -0.34 19.39 28.00
CA VAL D 15 0.66 20.46 27.93
C VAL D 15 1.89 19.94 27.22
N THR D 16 2.67 20.86 26.61
CA THR D 16 3.90 20.56 25.88
C THR D 16 4.91 19.90 26.82
N GLY D 17 5.43 18.75 26.39
CA GLY D 17 6.36 17.93 27.15
C GLY D 17 5.65 16.84 27.93
N GLY D 18 4.31 16.91 27.93
CA GLY D 18 3.41 15.97 28.61
C GLY D 18 3.35 14.61 27.95
N LYS D 19 2.59 13.68 28.55
CA LYS D 19 2.44 12.33 28.03
C LYS D 19 0.97 12.01 27.88
N VAL D 20 0.56 11.68 26.65
CA VAL D 20 -0.84 11.39 26.29
C VAL D 20 -0.94 9.95 25.78
N THR D 21 -2.02 9.27 26.14
CA THR D 21 -2.36 7.93 25.67
C THR D 21 -3.79 7.96 25.15
N LEU D 22 -3.94 7.62 23.87
CA LEU D 22 -5.23 7.53 23.20
C LEU D 22 -5.49 6.06 22.98
N SER D 23 -6.64 5.61 23.40
CA SER D 23 -6.99 4.21 23.39
C SER D 23 -8.07 3.89 22.38
N CYS D 24 -8.05 2.66 21.90
CA CYS D 24 -8.96 2.13 20.92
C CYS D 24 -9.38 0.75 21.35
N ASN D 25 -10.68 0.51 21.30
CA ASN D 25 -11.26 -0.78 21.67
C ASN D 25 -12.14 -1.24 20.55
N GLN D 26 -12.04 -2.50 20.28
CA GLN D 26 -12.70 -3.18 19.20
C GLN D 26 -13.01 -4.58 19.63
N THR D 27 -14.24 -5.07 19.46
CA THR D 27 -14.59 -6.43 19.86
C THR D 27 -15.16 -7.23 18.66
N ASN D 28 -14.74 -6.88 17.43
CA ASN D 28 -15.17 -7.54 16.17
C ASN D 28 -14.31 -8.73 15.82
N ASN D 29 -13.28 -9.01 16.66
CA ASN D 29 -12.27 -10.05 16.44
C ASN D 29 -11.53 -9.74 15.12
N HIS D 30 -11.12 -8.49 14.98
CA HIS D 30 -10.41 -7.96 13.83
C HIS D 30 -8.96 -7.95 14.19
N ASN D 31 -8.14 -8.60 13.37
CA ASN D 31 -6.70 -8.68 13.56
C ASN D 31 -6.01 -7.39 13.36
N ASN D 32 -6.44 -6.63 12.34
CA ASN D 32 -5.81 -5.40 11.90
C ASN D 32 -6.45 -4.14 12.50
N MET D 33 -5.60 -3.23 13.00
CA MET D 33 -5.99 -1.97 13.63
C MET D 33 -5.06 -0.88 13.15
N TYR D 34 -5.61 0.36 13.04
CA TYR D 34 -4.96 1.50 12.40
C TYR D 34 -5.17 2.83 13.12
N TRP D 35 -4.19 3.75 13.09
CA TRP D 35 -4.27 5.08 13.72
C TRP D 35 -4.00 6.18 12.70
N TYR D 36 -4.95 7.10 12.60
CA TYR D 36 -4.90 8.23 11.69
C TYR D 36 -5.05 9.50 12.43
N ARG D 37 -4.59 10.61 11.82
CA ARG D 37 -4.89 11.95 12.30
C ARG D 37 -5.58 12.69 11.17
N GLN D 38 -6.57 13.50 11.51
CA GLN D 38 -7.28 14.35 10.56
C GLN D 38 -6.93 15.82 10.79
N ASP D 39 -6.47 16.49 9.73
CA ASP D 39 -6.10 17.91 9.77
C ASP D 39 -6.71 18.60 8.63
N THR D 40 -7.03 19.90 8.80
CA THR D 40 -7.70 20.69 7.75
C THR D 40 -6.78 20.88 6.56
N GLY D 41 -7.35 20.64 5.38
CA GLY D 41 -6.60 20.72 4.14
C GLY D 41 -5.93 19.42 3.71
N HIS D 42 -5.91 18.43 4.62
CA HIS D 42 -5.35 17.10 4.41
C HIS D 42 -6.42 16.03 4.51
N GLY D 43 -6.13 14.87 3.94
CA GLY D 43 -6.95 13.69 4.14
C GLY D 43 -6.42 13.00 5.40
N LEU D 44 -7.14 11.96 5.93
CA LEU D 44 -6.60 11.19 7.09
C LEU D 44 -5.20 10.71 6.76
N ARG D 45 -4.26 10.80 7.69
CA ARG D 45 -2.89 10.34 7.47
C ARG D 45 -2.57 9.23 8.46
N LEU D 46 -2.03 8.11 7.95
CA LEU D 46 -1.72 6.92 8.74
C LEU D 46 -0.49 7.15 9.58
N ILE D 47 -0.60 6.92 10.90
CA ILE D 47 0.48 7.11 11.87
C ILE D 47 1.20 5.77 12.16
N HIS D 48 0.46 4.81 12.71
CA HIS D 48 0.89 3.45 13.07
C HIS D 48 -0.24 2.48 12.77
N TYR D 49 0.10 1.20 12.71
CA TYR D 49 -0.87 0.14 12.47
C TYR D 49 -0.38 -1.15 13.02
N SER D 50 -1.26 -2.17 13.08
CA SER D 50 -0.96 -3.46 13.70
C SER D 50 -1.60 -4.60 12.96
N TYR D 51 -0.88 -5.73 12.84
CA TYR D 51 -1.42 -6.92 12.16
C TYR D 51 -1.89 -8.00 13.14
N GLY D 52 -1.80 -7.70 14.43
CA GLY D 52 -2.21 -8.61 15.50
C GLY D 52 -1.57 -8.21 16.81
N ALA D 53 -1.97 -8.86 17.92
CA ALA D 53 -1.43 -8.62 19.28
C ALA D 53 0.10 -8.75 19.29
N GLY D 54 0.76 -7.77 19.89
CA GLY D 54 2.23 -7.74 19.96
C GLY D 54 2.91 -7.04 18.79
N SER D 55 2.18 -6.87 17.65
CA SER D 55 2.64 -6.22 16.42
C SER D 55 2.25 -4.73 16.39
N THR D 56 3.19 -3.89 15.94
CA THR D 56 3.08 -2.46 15.73
C THR D 56 4.06 -2.15 14.63
N GLU D 57 3.54 -1.52 13.59
CA GLU D 57 4.22 -1.11 12.39
C GLU D 57 4.05 0.38 12.19
N LYS D 58 5.09 1.06 11.74
CA LYS D 58 5.04 2.48 11.45
C LYS D 58 4.26 2.72 10.15
N GLY D 59 3.49 3.82 10.14
CA GLY D 59 2.72 4.26 8.99
C GLY D 59 3.49 5.27 8.19
N ASP D 60 2.81 6.27 7.67
CA ASP D 60 3.38 7.34 6.84
C ASP D 60 3.99 8.49 7.68
N ILE D 61 3.34 8.86 8.83
CA ILE D 61 3.77 9.98 9.68
C ILE D 61 3.95 9.47 11.12
N PRO D 62 4.96 8.56 11.35
CA PRO D 62 5.14 8.00 12.70
C PRO D 62 5.86 8.88 13.69
N ASP D 63 6.64 9.88 13.25
CA ASP D 63 7.45 10.77 14.11
C ASP D 63 6.63 11.43 15.22
N GLY D 64 7.10 11.25 16.46
CA GLY D 64 6.49 11.79 17.68
C GLY D 64 5.44 10.89 18.32
N TYR D 65 5.24 9.70 17.74
CA TYR D 65 4.24 8.74 18.21
C TYR D 65 4.81 7.36 18.37
N LYS D 66 4.36 6.68 19.42
CA LYS D 66 4.64 5.29 19.73
C LYS D 66 3.27 4.58 19.78
N ALA D 67 3.23 3.29 19.49
CA ALA D 67 1.99 2.53 19.50
C ALA D 67 2.15 1.22 20.27
N SER D 68 1.04 0.69 20.78
CA SER D 68 1.06 -0.55 21.53
C SER D 68 -0.22 -1.34 21.29
N ARG D 69 -0.06 -2.62 20.89
CA ARG D 69 -1.17 -3.55 20.70
C ARG D 69 -1.02 -4.65 21.76
N PRO D 70 -1.53 -4.43 23.00
CA PRO D 70 -1.36 -5.47 24.05
C PRO D 70 -2.16 -6.75 23.74
N SER D 71 -3.39 -6.58 23.22
CA SER D 71 -4.28 -7.66 22.85
C SER D 71 -5.01 -7.35 21.54
N GLN D 72 -5.74 -8.35 21.01
CA GLN D 72 -6.59 -8.26 19.83
C GLN D 72 -7.56 -7.05 19.90
N GLU D 73 -8.23 -6.88 21.05
CA GLU D 73 -9.27 -5.88 21.24
C GLU D 73 -8.76 -4.46 21.41
N ASN D 74 -7.56 -4.26 21.99
CA ASN D 74 -7.09 -2.89 22.26
C ASN D 74 -5.83 -2.49 21.51
N PHE D 75 -5.78 -1.22 21.08
CA PHE D 75 -4.64 -0.61 20.37
C PHE D 75 -4.46 0.82 20.89
N SER D 76 -3.29 1.17 21.40
CA SER D 76 -3.15 2.54 21.90
C SER D 76 -2.08 3.33 21.14
N LEU D 77 -2.27 4.64 21.12
CA LEU D 77 -1.40 5.66 20.52
C LEU D 77 -0.82 6.44 21.67
N ILE D 78 0.49 6.39 21.80
CA ILE D 78 1.21 7.03 22.88
C ILE D 78 2.06 8.15 22.33
N LEU D 79 1.95 9.33 22.95
CA LEU D 79 2.70 10.55 22.69
C LEU D 79 3.53 10.81 23.96
N GLU D 80 4.75 10.28 24.03
CA GLU D 80 5.64 10.38 25.19
C GLU D 80 6.00 11.85 25.50
N LEU D 81 6.27 12.64 24.44
CA LEU D 81 6.59 14.07 24.50
C LEU D 81 5.59 14.85 23.61
N ALA D 82 4.51 15.35 24.22
CA ALA D 82 3.44 16.11 23.57
C ALA D 82 3.92 17.45 23.03
N THR D 83 3.65 17.74 21.74
CA THR D 83 4.04 19.00 21.11
C THR D 83 2.77 19.65 20.50
N PRO D 84 2.68 20.99 20.41
CA PRO D 84 1.44 21.61 19.90
C PRO D 84 1.08 21.22 18.45
N SER D 85 2.07 20.78 17.65
CA SER D 85 1.84 20.30 16.29
C SER D 85 1.00 18.98 16.29
N GLN D 86 0.86 18.30 17.47
CA GLN D 86 0.08 17.07 17.65
C GLN D 86 -1.39 17.39 17.94
N THR D 87 -1.74 18.69 18.01
CA THR D 87 -3.13 19.11 18.14
C THR D 87 -3.82 18.63 16.86
N SER D 88 -4.82 17.73 17.01
CA SER D 88 -5.51 17.12 15.87
C SER D 88 -6.67 16.29 16.36
N VAL D 89 -7.39 15.68 15.39
CA VAL D 89 -8.45 14.68 15.60
C VAL D 89 -7.81 13.34 15.22
N TYR D 90 -7.85 12.39 16.13
CA TYR D 90 -7.28 11.07 15.94
C TYR D 90 -8.37 10.03 15.70
N PHE D 91 -8.22 9.26 14.62
CA PHE D 91 -9.20 8.22 14.28
C PHE D 91 -8.56 6.88 14.30
N CYS D 92 -9.23 5.92 14.92
CA CYS D 92 -8.82 4.53 14.98
C CYS D 92 -9.76 3.70 14.12
N ALA D 93 -9.20 2.70 13.45
CA ALA D 93 -9.95 1.79 12.59
C ALA D 93 -9.46 0.36 12.78
N SER D 94 -10.29 -0.61 12.38
CA SER D 94 -9.98 -2.01 12.45
C SER D 94 -10.50 -2.69 11.19
N GLY D 95 -10.00 -3.88 10.92
CA GLY D 95 -10.46 -4.65 9.77
C GLY D 95 -9.97 -6.08 9.82
N ASP D 96 -10.55 -6.93 8.95
CA ASP D 96 -10.13 -8.32 8.86
C ASP D 96 -9.17 -8.40 7.65
N GLU D 97 -9.15 -9.55 6.94
CA GLU D 97 -8.27 -9.77 5.78
C GLU D 97 -8.71 -8.94 4.58
N GLY D 98 -10.00 -8.54 4.55
CA GLY D 98 -10.58 -7.72 3.49
C GLY D 98 -10.14 -6.27 3.47
N TYR D 99 -10.60 -5.51 2.46
CA TYR D 99 -10.19 -4.11 2.30
C TYR D 99 -10.97 -3.06 3.13
N THR D 100 -12.12 -3.39 3.75
CA THR D 100 -12.86 -2.38 4.54
C THR D 100 -12.24 -2.14 5.92
N GLN D 101 -12.14 -0.85 6.30
CA GLN D 101 -11.73 -0.39 7.61
C GLN D 101 -12.95 0.22 8.27
N TYR D 102 -13.15 -0.06 9.56
CA TYR D 102 -14.29 0.44 10.32
C TYR D 102 -13.78 1.46 11.24
N PHE D 103 -14.25 2.68 11.09
CA PHE D 103 -13.72 3.80 11.82
C PHE D 103 -14.43 4.05 13.14
N GLY D 104 -13.63 4.44 14.12
CA GLY D 104 -14.02 4.87 15.44
C GLY D 104 -14.54 6.30 15.39
N PRO D 105 -15.08 6.81 16.51
CA PRO D 105 -15.74 8.14 16.47
C PRO D 105 -14.81 9.35 16.50
N GLY D 106 -13.53 9.16 16.81
CA GLY D 106 -12.61 10.28 16.92
C GLY D 106 -12.34 10.72 18.34
N THR D 107 -11.14 11.27 18.55
CA THR D 107 -10.58 11.86 19.78
C THR D 107 -10.01 13.22 19.42
N ARG D 108 -10.45 14.26 20.10
CA ARG D 108 -9.91 15.59 19.83
C ARG D 108 -8.80 15.86 20.84
N LEU D 109 -7.61 16.21 20.36
CA LEU D 109 -6.51 16.50 21.27
C LEU D 109 -5.98 17.91 21.08
N LEU D 110 -6.05 18.75 22.14
CA LEU D 110 -5.48 20.09 22.14
C LEU D 110 -4.18 20.06 23.00
N VAL D 111 -3.03 20.40 22.41
CA VAL D 111 -1.75 20.46 23.12
C VAL D 111 -1.45 21.94 23.34
N LEU D 112 -1.33 22.35 24.62
CA LEU D 112 -1.11 23.73 25.10
C LEU D 112 0.32 23.96 25.55
N GLU D 113 0.77 25.23 25.62
CA GLU D 113 2.12 25.54 26.10
C GLU D 113 2.19 25.32 27.62
N ASP D 114 1.09 25.70 28.33
CA ASP D 114 0.88 25.56 29.76
C ASP D 114 -0.64 25.62 30.10
N LEU D 115 -1.01 25.69 31.39
CA LEU D 115 -2.41 25.74 31.83
C LEU D 115 -2.83 27.10 32.42
N LYS D 116 -1.91 28.09 32.48
CA LYS D 116 -2.15 29.44 33.03
C LYS D 116 -3.31 30.17 32.34
N ASN D 117 -3.48 29.88 31.04
CA ASN D 117 -4.46 30.45 30.12
C ASN D 117 -5.83 29.70 30.10
N VAL D 118 -5.97 28.66 30.95
CA VAL D 118 -7.21 27.87 31.00
C VAL D 118 -8.21 28.62 31.86
N PHE D 119 -9.40 28.87 31.29
CA PHE D 119 -10.48 29.60 31.93
C PHE D 119 -11.85 28.98 31.73
N PRO D 120 -12.70 29.05 32.78
CA PRO D 120 -14.08 28.57 32.62
C PRO D 120 -14.96 29.65 31.97
N PRO D 121 -16.01 29.25 31.22
CA PRO D 121 -16.92 30.26 30.62
C PRO D 121 -17.74 31.00 31.67
N GLU D 122 -18.04 32.26 31.35
CA GLU D 122 -18.96 33.13 32.08
C GLU D 122 -20.25 33.01 31.28
N VAL D 123 -21.41 32.78 31.95
CA VAL D 123 -22.66 32.56 31.19
C VAL D 123 -23.77 33.58 31.50
N ALA D 124 -24.42 34.10 30.43
CA ALA D 124 -25.52 35.03 30.58
C ALA D 124 -26.69 34.68 29.63
N VAL D 125 -27.93 34.90 30.11
CA VAL D 125 -29.11 34.70 29.28
C VAL D 125 -29.71 36.08 29.03
N PHE D 126 -29.92 36.39 27.74
CA PHE D 126 -30.50 37.65 27.32
C PHE D 126 -31.95 37.38 27.03
N GLU D 127 -32.82 38.22 27.59
CA GLU D 127 -34.27 38.09 27.57
C GLU D 127 -34.92 38.57 26.26
N PRO D 128 -35.99 37.90 25.78
CA PRO D 128 -36.64 38.33 24.51
C PRO D 128 -37.03 39.80 24.51
N SER D 129 -36.89 40.49 23.36
CA SER D 129 -37.28 41.88 23.28
C SER D 129 -38.79 42.00 23.13
N GLU D 130 -39.37 43.13 23.58
CA GLU D 130 -40.82 43.38 23.49
C GLU D 130 -41.20 43.61 22.04
N ALA D 131 -40.28 44.20 21.23
CA ALA D 131 -40.53 44.44 19.80
C ALA D 131 -40.60 43.11 19.02
N GLU D 132 -39.79 42.07 19.36
CA GLU D 132 -39.93 40.74 18.72
C GLU D 132 -41.29 40.10 19.08
N ILE D 133 -41.67 40.20 20.36
CA ILE D 133 -42.90 39.62 20.88
C ILE D 133 -44.08 40.19 20.10
N SER D 134 -44.21 41.52 20.04
CA SER D 134 -45.37 42.11 19.36
C SER D 134 -45.30 41.95 17.84
N HIS D 135 -44.10 42.00 17.24
CA HIS D 135 -43.99 41.89 15.80
C HIS D 135 -44.14 40.45 15.24
N THR D 136 -43.59 39.43 15.94
CA THR D 136 -43.58 38.05 15.42
C THR D 136 -44.48 37.04 16.21
N GLN D 137 -44.84 37.36 17.49
CA GLN D 137 -45.55 36.50 18.46
C GLN D 137 -44.69 35.29 18.80
N LYS D 138 -43.38 35.44 18.58
CA LYS D 138 -42.32 34.49 18.92
C LYS D 138 -41.38 35.21 19.88
N ALA D 139 -40.67 34.46 20.69
CA ALA D 139 -39.76 35.03 21.67
C ALA D 139 -38.46 34.24 21.67
N THR D 140 -37.35 34.89 21.31
CA THR D 140 -36.00 34.28 21.25
C THR D 140 -35.17 34.67 22.46
N LEU D 141 -34.60 33.67 23.14
CA LEU D 141 -33.68 33.80 24.26
C LEU D 141 -32.29 33.49 23.76
N VAL D 142 -31.32 34.32 24.12
CA VAL D 142 -29.96 34.09 23.66
C VAL D 142 -29.11 33.75 24.86
N CYS D 143 -28.31 32.70 24.73
CA CYS D 143 -27.32 32.35 25.73
C CYS D 143 -25.93 32.64 25.19
N LEU D 144 -25.13 33.41 25.95
CA LEU D 144 -23.74 33.73 25.65
C LEU D 144 -22.82 33.10 26.67
N ALA D 145 -21.95 32.18 26.21
CA ALA D 145 -20.87 31.56 26.99
C ALA D 145 -19.59 32.27 26.54
N THR D 146 -18.96 33.05 27.43
CA THR D 146 -17.80 33.87 27.03
C THR D 146 -16.57 33.66 27.91
N GLY D 147 -15.39 33.89 27.32
CA GLY D 147 -14.09 33.86 27.97
C GLY D 147 -13.53 32.52 28.39
N PHE D 148 -13.84 31.45 27.63
CA PHE D 148 -13.38 30.13 27.97
C PHE D 148 -12.22 29.69 27.06
N TYR D 149 -11.29 28.95 27.65
CA TYR D 149 -10.12 28.36 27.02
C TYR D 149 -9.75 27.07 27.79
N PRO D 150 -9.62 25.91 27.10
CA PRO D 150 -9.75 25.73 25.65
C PRO D 150 -11.21 25.57 25.23
N ASP D 151 -11.42 25.23 23.96
CA ASP D 151 -12.76 24.96 23.52
C ASP D 151 -13.20 23.52 23.99
N HIS D 152 -13.62 23.39 25.27
CA HIS D 152 -14.11 22.13 25.85
C HIS D 152 -15.40 22.40 26.63
N VAL D 153 -16.49 22.67 25.88
CA VAL D 153 -17.79 22.99 26.48
C VAL D 153 -18.96 22.29 25.78
N GLU D 154 -20.04 22.09 26.56
CA GLU D 154 -21.33 21.59 26.06
C GLU D 154 -22.40 22.53 26.52
N LEU D 155 -23.04 23.18 25.55
CA LEU D 155 -24.13 24.11 25.83
C LEU D 155 -25.45 23.42 25.53
N SER D 156 -26.36 23.45 26.52
CA SER D 156 -27.73 22.91 26.42
C SER D 156 -28.74 23.85 27.15
N TRP D 157 -30.04 23.77 26.76
CA TRP D 157 -31.17 24.54 27.33
C TRP D 157 -32.07 23.66 28.16
N TRP D 158 -32.52 24.19 29.32
CA TRP D 158 -33.38 23.51 30.29
C TRP D 158 -34.62 24.34 30.66
N VAL D 159 -35.81 23.86 30.23
CA VAL D 159 -37.09 24.54 30.49
C VAL D 159 -37.90 23.73 31.51
N ASN D 160 -38.24 24.42 32.62
CA ASN D 160 -39.01 23.90 33.76
C ASN D 160 -38.36 22.64 34.39
N GLY D 161 -37.03 22.55 34.29
CA GLY D 161 -36.27 21.43 34.85
C GLY D 161 -35.85 20.34 33.88
N LYS D 162 -36.40 20.35 32.63
CA LYS D 162 -36.11 19.37 31.59
C LYS D 162 -35.43 20.03 30.42
N GLU D 163 -34.37 19.38 29.88
CA GLU D 163 -33.65 19.97 28.77
C GLU D 163 -34.39 19.75 27.44
N VAL D 164 -34.48 20.83 26.66
CA VAL D 164 -35.17 20.89 25.37
C VAL D 164 -34.16 20.96 24.20
N HIS D 165 -34.59 20.52 23.01
CA HIS D 165 -33.77 20.48 21.79
C HIS D 165 -34.54 21.07 20.60
N SER D 166 -35.80 21.42 20.87
CA SER D 166 -36.77 22.01 19.97
C SER D 166 -36.64 23.55 19.99
N GLY D 167 -36.42 24.15 18.82
CA GLY D 167 -36.29 25.61 18.69
C GLY D 167 -34.93 26.17 19.08
N VAL D 168 -33.92 25.28 19.19
CA VAL D 168 -32.53 25.61 19.55
C VAL D 168 -31.63 25.51 18.33
N CYS D 169 -30.71 26.50 18.18
CA CYS D 169 -29.59 26.47 17.26
C CYS D 169 -28.41 27.11 17.96
N THR D 170 -27.39 26.29 18.27
CA THR D 170 -26.18 26.80 18.89
C THR D 170 -25.14 26.86 17.79
N ASP D 171 -24.24 27.86 17.82
CA ASP D 171 -23.18 28.05 16.84
C ASP D 171 -22.37 26.76 16.64
N PRO D 172 -22.09 26.35 15.39
CA PRO D 172 -21.26 25.15 15.19
C PRO D 172 -19.85 25.33 15.82
N GLN D 173 -19.16 26.43 15.47
CA GLN D 173 -17.82 26.76 15.96
C GLN D 173 -17.83 27.98 16.90
N PRO D 174 -16.90 28.07 17.90
CA PRO D 174 -16.85 29.26 18.75
C PRO D 174 -16.10 30.40 18.08
N LEU D 175 -16.24 31.60 18.63
CA LEU D 175 -15.59 32.84 18.20
C LEU D 175 -14.34 33.11 18.99
N LYS D 176 -13.32 33.65 18.34
CA LYS D 176 -12.11 34.07 19.06
C LYS D 176 -12.36 35.51 19.56
N GLU D 177 -12.28 35.74 20.87
CA GLU D 177 -12.45 37.07 21.48
C GLU D 177 -11.32 38.05 21.08
N GLN D 178 -10.12 37.51 20.76
CA GLN D 178 -8.93 38.23 20.29
C GLN D 178 -8.36 37.42 19.13
N PRO D 179 -8.93 37.55 17.91
CA PRO D 179 -8.51 36.68 16.78
C PRO D 179 -6.99 36.60 16.56
N ALA D 180 -6.28 37.76 16.58
CA ALA D 180 -4.83 37.81 16.40
C ALA D 180 -4.08 37.45 17.70
N LEU D 181 -4.29 36.20 18.18
CA LEU D 181 -3.72 35.64 19.40
C LEU D 181 -3.96 34.13 19.43
N ASN D 182 -2.87 33.34 19.55
CA ASN D 182 -2.85 31.87 19.53
C ASN D 182 -3.65 31.25 20.68
N ASP D 183 -3.43 31.71 21.94
CA ASP D 183 -4.12 31.18 23.12
C ASP D 183 -5.33 32.09 23.54
N SER D 184 -6.08 32.59 22.52
CA SER D 184 -7.28 33.43 22.69
C SER D 184 -8.43 32.69 23.37
N ARG D 185 -9.18 33.42 24.21
CA ARG D 185 -10.37 32.89 24.90
C ARG D 185 -11.51 32.89 23.90
N TYR D 186 -12.55 32.06 24.15
CA TYR D 186 -13.63 31.89 23.18
C TYR D 186 -14.98 32.39 23.67
N ALA D 187 -15.89 32.54 22.70
CA ALA D 187 -17.29 32.89 22.91
C ALA D 187 -18.17 31.99 22.06
N LEU D 188 -19.29 31.57 22.62
CA LEU D 188 -20.22 30.74 21.89
C LEU D 188 -21.63 31.16 22.22
N SER D 189 -22.51 31.26 21.21
CA SER D 189 -23.90 31.62 21.47
C SER D 189 -24.87 30.50 21.07
N SER D 190 -26.03 30.55 21.68
CA SER D 190 -27.14 29.66 21.44
C SER D 190 -28.43 30.44 21.51
N ARG D 191 -29.44 30.01 20.77
CA ARG D 191 -30.75 30.63 20.82
C ARG D 191 -31.82 29.60 20.98
N LEU D 192 -32.81 29.94 21.80
CA LEU D 192 -33.99 29.14 21.99
C LEU D 192 -35.17 30.05 21.65
N ARG D 193 -35.93 29.66 20.63
CA ARG D 193 -37.08 30.42 20.20
C ARG D 193 -38.35 29.69 20.57
N VAL D 194 -39.19 30.34 21.41
CA VAL D 194 -40.50 29.83 21.89
C VAL D 194 -41.65 30.78 21.41
N SER D 195 -42.90 30.47 21.75
CA SER D 195 -44.02 31.35 21.42
C SER D 195 -44.05 32.51 22.42
N ALA D 196 -44.68 33.62 22.06
CA ALA D 196 -44.85 34.73 22.97
C ALA D 196 -45.60 34.27 24.24
N THR D 197 -46.69 33.45 24.06
CA THR D 197 -47.56 32.96 25.15
C THR D 197 -46.76 32.15 26.17
N PHE D 198 -45.78 31.39 25.70
CA PHE D 198 -44.94 30.57 26.57
C PHE D 198 -44.03 31.44 27.43
N TRP D 199 -43.36 32.43 26.83
CA TRP D 199 -42.49 33.34 27.56
C TRP D 199 -43.30 34.15 28.59
N GLN D 200 -44.53 34.56 28.24
CA GLN D 200 -45.38 35.40 29.08
C GLN D 200 -46.01 34.67 30.27
N ASN D 201 -45.65 33.40 30.47
CA ASN D 201 -46.14 32.60 31.57
C ASN D 201 -45.14 32.76 32.76
N PRO D 202 -45.56 33.34 33.93
CA PRO D 202 -44.61 33.56 35.03
C PRO D 202 -44.13 32.27 35.69
N ARG D 203 -44.86 31.17 35.47
CA ARG D 203 -44.50 29.86 35.99
C ARG D 203 -43.35 29.24 35.17
N ASN D 204 -43.12 29.70 33.92
CA ASN D 204 -42.08 29.16 33.02
C ASN D 204 -40.66 29.67 33.35
N HIS D 205 -39.78 28.73 33.68
CA HIS D 205 -38.40 28.98 34.08
C HIS D 205 -37.44 28.40 33.01
N PHE D 206 -36.58 29.29 32.48
CA PHE D 206 -35.61 29.01 31.42
C PHE D 206 -34.22 29.04 31.96
N ARG D 207 -33.42 28.00 31.66
CA ARG D 207 -32.06 27.95 32.15
C ARG D 207 -31.06 27.45 31.07
N CYS D 208 -30.02 28.24 30.84
CA CYS D 208 -28.98 27.86 29.92
C CYS D 208 -27.82 27.27 30.74
N GLN D 209 -27.35 26.07 30.33
CA GLN D 209 -26.33 25.36 31.08
C GLN D 209 -25.10 25.11 30.25
N VAL D 210 -23.93 25.50 30.80
CA VAL D 210 -22.63 25.29 30.16
C VAL D 210 -21.75 24.50 31.14
N GLN D 211 -21.32 23.32 30.67
CA GLN D 211 -20.46 22.46 31.45
C GLN D 211 -19.04 22.59 30.89
N PHE D 212 -18.13 23.07 31.73
CA PHE D 212 -16.75 23.24 31.31
C PHE D 212 -15.88 22.11 31.84
N TYR D 213 -14.88 21.74 31.03
CA TYR D 213 -13.89 20.75 31.42
C TYR D 213 -12.53 21.38 31.46
N GLY D 214 -12.15 21.68 32.70
CA GLY D 214 -10.87 22.29 32.99
C GLY D 214 -9.93 21.32 33.64
N LEU D 215 -9.72 21.53 34.94
CA LEU D 215 -8.73 20.76 35.69
C LEU D 215 -9.29 20.09 36.95
N SER D 216 -8.52 19.11 37.46
CA SER D 216 -8.80 18.28 38.65
C SER D 216 -7.61 18.31 39.61
N GLU D 217 -7.61 17.41 40.62
CA GLU D 217 -6.52 17.23 41.56
C GLU D 217 -5.37 16.45 40.87
N ASN D 218 -5.68 15.81 39.70
CA ASN D 218 -4.73 15.07 38.85
C ASN D 218 -3.83 16.06 38.08
N ASP D 219 -4.31 17.30 37.89
CA ASP D 219 -3.60 18.41 37.24
C ASP D 219 -3.06 19.37 38.32
N GLU D 220 -1.75 19.70 38.25
CA GLU D 220 -1.10 20.58 39.24
C GLU D 220 -1.36 22.05 38.89
N TRP D 221 -2.03 22.78 39.81
CA TRP D 221 -2.34 24.21 39.60
C TRP D 221 -2.08 25.03 40.85
N THR D 222 -1.49 26.24 40.69
CA THR D 222 -1.17 27.18 41.78
C THR D 222 -1.08 28.64 41.28
N GLN D 223 -2.19 29.38 41.30
CA GLN D 223 -2.23 30.81 40.94
C GLN D 223 -3.09 31.60 41.93
N ASP D 224 -2.84 32.93 42.02
CA ASP D 224 -3.53 33.88 42.92
C ASP D 224 -5.04 33.96 42.60
N ARG D 225 -5.44 33.63 41.35
CA ARG D 225 -6.84 33.56 40.90
C ARG D 225 -7.38 32.13 41.12
N ALA D 226 -8.71 31.96 41.00
CA ALA D 226 -9.43 30.69 41.18
C ALA D 226 -8.93 29.59 40.23
N LYS D 227 -8.93 28.33 40.71
CA LYS D 227 -8.51 27.16 39.91
C LYS D 227 -9.56 26.88 38.82
N PRO D 228 -9.18 26.68 37.52
CA PRO D 228 -10.21 26.41 36.50
C PRO D 228 -10.63 24.94 36.50
N VAL D 229 -11.19 24.54 37.65
CA VAL D 229 -11.72 23.22 37.95
C VAL D 229 -12.93 22.96 37.00
N THR D 230 -13.15 21.68 36.61
CA THR D 230 -14.27 21.27 35.78
C THR D 230 -15.57 21.67 36.54
N GLN D 231 -16.36 22.60 35.95
CA GLN D 231 -17.52 23.12 36.65
C GLN D 231 -18.74 23.30 35.75
N ILE D 232 -19.90 23.59 36.38
CA ILE D 232 -21.18 23.80 35.73
C ILE D 232 -21.51 25.29 35.92
N VAL D 233 -21.61 25.99 34.79
CA VAL D 233 -21.93 27.41 34.75
C VAL D 233 -23.32 27.53 34.14
N SER D 234 -24.15 28.36 34.76
CA SER D 234 -25.51 28.51 34.30
C SER D 234 -25.99 29.92 34.44
N ALA D 235 -27.04 30.22 33.67
CA ALA D 235 -27.77 31.48 33.70
C ALA D 235 -29.25 31.13 33.58
N GLU D 236 -30.12 31.90 34.26
CA GLU D 236 -31.54 31.55 34.27
C GLU D 236 -32.46 32.76 34.26
N ALA D 237 -33.59 32.58 33.59
CA ALA D 237 -34.61 33.59 33.45
C ALA D 237 -35.98 33.02 33.70
N TRP D 238 -36.83 33.83 34.29
CA TRP D 238 -38.23 33.50 34.53
C TRP D 238 -39.05 34.23 33.48
N GLY D 239 -40.08 33.56 32.97
CA GLY D 239 -41.05 34.14 32.04
C GLY D 239 -41.79 35.22 32.80
N ARG D 240 -42.34 36.22 32.10
CA ARG D 240 -43.03 37.29 32.80
C ARG D 240 -44.23 37.83 32.02
N ALA D 241 -45.33 38.03 32.76
CA ALA D 241 -46.59 38.57 32.25
C ALA D 241 -46.43 39.94 31.59
N ASP D 242 -45.54 40.80 32.14
CA ASP D 242 -45.26 42.16 31.63
C ASP D 242 -44.38 42.12 30.38
C1 NAG E . 15.27 -2.39 -7.97
C2 NAG E . 16.26 -1.43 -7.32
C3 NAG E . 15.53 -0.34 -6.53
C4 NAG E . 14.45 0.32 -7.36
C5 NAG E . 13.51 -0.72 -8.00
C6 NAG E . 12.56 -0.11 -9.01
C7 NAG E . 18.41 -2.49 -6.79
C8 NAG E . 19.21 -3.21 -5.74
N2 NAG E . 17.17 -2.16 -6.45
O3 NAG E . 16.50 0.63 -6.14
O4 NAG E . 13.72 1.27 -6.58
O5 NAG E . 14.29 -1.68 -8.73
O6 NAG E . 13.27 0.44 -10.13
O7 NAG E . 18.88 -2.24 -7.90
C1 NAG E . 13.59 2.62 -7.07
C2 NAG E . 12.65 3.38 -6.15
C3 NAG E . 12.50 4.82 -6.66
C4 NAG E . 13.88 5.48 -6.79
C5 NAG E . 14.78 4.64 -7.69
C6 NAG E . 16.20 5.15 -7.78
C7 NAG E . 10.50 2.36 -6.94
C8 NAG E . 9.45 1.37 -6.54
N2 NAG E . 11.34 2.75 -5.96
O3 NAG E . 11.67 5.57 -5.79
O4 NAG E . 13.75 6.82 -7.27
O5 NAG E . 14.85 3.28 -7.19
O6 NAG E . 17.02 4.70 -6.71
O7 NAG E . 10.59 2.78 -8.10
C1 NAG F . -9.54 -21.56 -14.54
C2 NAG F . -10.97 -21.20 -14.15
C3 NAG F . -11.29 -21.84 -12.80
C4 NAG F . -11.05 -23.34 -12.84
C5 NAG F . -9.62 -23.64 -13.30
C6 NAG F . -9.33 -25.10 -13.50
C7 NAG F . -11.62 -18.99 -15.10
C8 NAG F . -11.97 -17.58 -14.76
N2 NAG F . -11.16 -19.75 -14.08
O3 NAG F . -12.64 -21.54 -12.46
O4 NAG F . -11.19 -23.90 -11.53
O5 NAG F . -9.37 -22.98 -14.56
O6 NAG F . -7.93 -25.33 -13.68
O7 NAG F . -11.74 -19.44 -16.24
C1 NAG F . -12.41 -24.47 -11.11
C2 NAG F . -12.13 -25.32 -9.88
C3 NAG F . -13.44 -25.95 -9.40
C4 NAG F . -14.47 -24.88 -9.08
C5 NAG F . -14.62 -23.88 -10.24
C6 NAG F . -15.39 -22.63 -9.86
C7 NAG F . -10.07 -26.60 -9.44
C8 NAG F . -9.05 -27.52 -10.04
N2 NAG F . -11.14 -26.34 -10.20
O3 NAG F . -13.18 -26.71 -8.23
O4 NAG F . -15.75 -25.47 -8.82
O5 NAG F . -13.31 -23.44 -10.68
O6 NAG F . -15.24 -21.59 -10.82
O7 NAG F . -9.91 -26.10 -8.33
C1 BMA F . -16.22 -25.50 -7.48
C2 BMA F . -17.68 -25.02 -7.45
C3 BMA F . -18.23 -25.08 -6.02
C4 BMA F . -18.00 -26.45 -5.39
C5 BMA F . -16.54 -26.88 -5.53
C6 BMA F . -16.27 -28.30 -5.07
O2 BMA F . -18.47 -25.82 -8.32
O3 BMA F . -19.61 -24.73 -6.01
O4 BMA F . -18.35 -26.42 -4.00
O5 BMA F . -16.13 -26.82 -6.92
O6 BMA F . -14.88 -28.63 -5.17
C1 NAG G . 20.18 -3.63 3.29
C2 NAG G . 21.18 -2.68 3.96
C3 NAG G . 22.12 -2.09 2.90
C4 NAG G . 22.78 -3.18 2.07
C5 NAG G . 21.71 -4.07 1.44
C6 NAG G . 22.25 -5.25 0.67
C7 NAG G . 20.22 -1.56 5.94
C8 NAG G . 19.29 -0.47 6.41
N2 NAG G . 20.43 -1.62 4.61
O3 NAG G . 23.13 -1.29 3.54
O4 NAG G . 23.61 -2.57 1.08
O5 NAG G . 20.83 -4.60 2.47
O6 NAG G . 22.73 -6.28 1.54
O7 NAG G . 20.74 -2.34 6.73
C1 NAG G . 24.98 -2.99 0.94
C2 NAG G . 25.51 -2.55 -0.44
C3 NAG G . 26.94 -3.08 -0.58
C4 NAG G . 27.82 -2.53 0.53
C5 NAG G . 27.22 -2.86 1.89
C6 NAG G . 27.93 -2.17 3.05
C7 NAG G . 23.87 -2.12 -2.23
C8 NAG G . 23.42 -2.60 -3.58
N2 NAG G . 24.68 -2.96 -1.56
O3 NAG G . 27.48 -2.72 -1.86
O4 NAG G . 29.14 -3.06 0.41
O5 NAG G . 25.84 -2.44 1.96
O6 NAG G . 29.29 -2.57 3.15
O7 NAG G . 23.54 -1.02 -1.79
C1 QOD H . -1.78 -5.67 -7.31
C2 QOD H . -1.01 -7.00 -7.55
C3 QOD H . -0.91 -7.86 -6.28
C4 QOD H . 0.52 -8.28 -6.06
C5 QOD H . 0.55 -9.55 -5.19
C6 QOD H . 1.20 -10.64 -6.02
C7 QOD H . 0.62 -11.99 -5.63
C8 QOD H . 1.74 -13.02 -5.67
C9 QOD H . 2.27 -13.25 -4.25
C10 QOD H . 3.12 -14.52 -4.25
C11 QOD H . 2.30 -15.69 -3.68
C12 QOD H . 3.17 -16.49 -2.71
C15 QOD H . 7.31 -11.32 -16.37
C16 QOD H . 8.22 -11.48 -17.60
C17 QOD H . 7.32 -11.75 -18.81
C18 QOD H . 2.99 -16.01 -1.27
C19 QOD H . 4.33 -15.55 -0.70
C20 QOD H . 4.71 -16.48 0.45
C21 QOD H . 4.88 -15.69 1.75
C23 QOD H . 6.02 -17.16 0.10
OAA QOD H . -0.65 -6.97 -10.35
CAA QOD H . -1.51 -7.69 -9.86
CAB QOD H . -2.43 -8.60 -10.68
CAC QOD H . -1.64 -9.49 -11.66
CAD QOD H . -1.11 -10.75 -10.93
CAE QOD H . -0.64 -11.83 -11.93
CAF QOD H . 0.89 -11.93 -11.95
CAG QOD H . 1.38 -13.18 -11.23
CAH QOD H . 2.17 -14.06 -12.21
CAI QOD H . 3.68 -13.96 -11.93
CAJ QOD H . 4.45 -14.51 -13.15
CAK QOD H . 5.97 -14.37 -13.00
CAL QOD H . 6.43 -13.01 -13.53
CAM QOD H . 7.45 -13.19 -14.66
CAN QOD H . 7.99 -11.81 -15.09
N2 QOD H . -1.72 -7.79 -8.55
O1A QOD H . -3.17 -5.95 -7.06
C1A QOD H . -4.00 -4.82 -7.07
C2A QOD H . -5.39 -5.19 -6.53
O2A QOD H . -5.32 -5.82 -5.27
C3A QOD H . -6.14 -6.08 -7.51
O3A QOD H . -7.41 -6.46 -6.98
C4A QOD H . -6.31 -5.38 -8.83
O4A QOD H . -7.03 -4.15 -8.64
C5M QOD H . -4.91 -5.11 -9.38
C6A QOD H . -4.98 -4.53 -10.80
O6A QOD H . -5.12 -5.63 -11.72
O5A QOD H . -4.13 -4.29 -8.42
O3 QOD H . -1.40 -7.20 -5.12
O4 QOD H . -2.49 -9.85 -12.77
C20 HP6 I . 5.38 -13.31 -21.34
C21 HP6 I . 3.92 -13.13 -20.93
C22 HP6 I . 3.14 -14.44 -21.15
C23 HP6 I . 1.76 -14.36 -20.48
C24 HP6 I . 1.54 -15.60 -19.59
C25 HP6 I . 1.79 -15.26 -18.10
C26 HP6 I . 1.79 -16.52 -17.23
#